data_8Y62
#
_entry.id   8Y62
#
_cell.length_a   1.00
_cell.length_b   1.00
_cell.length_c   1.00
_cell.angle_alpha   90.00
_cell.angle_beta   90.00
_cell.angle_gamma   90.00
#
_symmetry.space_group_name_H-M   'P 1'
#
loop_
_entity.id
_entity.type
_entity.pdbx_description
1 polymer 'Guanine nucleotide-binding protein G(i) subunit alpha-1'
2 polymer 'Guanine nucleotide-binding protein G(I)/G(S)/G(T) subunit beta-1'
3 polymer 'Guanine nucleotide-binding protein G(I)/G(S)/G(O) subunit gamma-2'
4 polymer scFv16
5 polymer 'N-formyl peptide receptor 2'
6 non-polymer N-((E,2S,3R)-1,3-DIHYDROXYOCTADEC-4-EN-2-YL)PALMITAMIDE
#
loop_
_entity_poly.entity_id
_entity_poly.type
_entity_poly.pdbx_seq_one_letter_code
_entity_poly.pdbx_strand_id
1 'polypeptide(L)'
;MGCTLSAEDKAAVERSKMIDRNLREDGEKAAREVKLLLLGAGESGKSTIVKQMKIIHEAGYSEEECKQYKAVVYSNTIQS
IIAIIRAMGRLKIDFGDSARADDARQLFVLAGAAEEGFMTAELAGVIKRLWKDSGVQACFNRSREYQLNDSAAYYLNDLD
RIAQPNYIPTQQDVLRTRVKTTGIVETHFTFKDLHFKMFDVGGQRSERKKWIHCFEGVTAIIFCVALSDYDLVLAEDEEM
NRMHESMKLFDSICNNKWFTDTSIILFLNKKDLFEEKIKKSPLTICYPEYAGSNTYEEAAAYIQCQFEDLNKRKDTKEIY
THFTCATDTKNVQFVFDAVTDVIIKNNLKDCGLF
;
A
2 'polypeptide(L)'
;MHHHHHHLEVLFQGPGSSGSELDQLRQEAEQLKNQIRDARKACADATLSQITNNIDPVGRIQMRTRRTLRGHLAKIYAMH
WGTDSRLLVSASQDGKLIIWDSYTTNKVHAIPLRSSWVMTCAYAPSGNYVACGGLDNICSIYNLKTREGNVRVSRELAGH
TGYLSCCRFLDDNQIVTSSGDTTCALWDIETGQQTTTFTGHTGDVMSLSLAPDTRLFVSGACDASAKLWDVREGMCRQTF
TGHESDINAICFFPNGNAFATGSDDATCRLFDLRADQELMTYSHDNIICGITSVSFSKSGRLLLAGYDDFNCNVWDALKA
DRAGVLAGHDNRVSCLGVTDDGMAVATGSWDSFLKIWN
;
B
3 'polypeptide(L)' NTASIAQARKLVEQLKMEANIDRIKVSKAAADLMAYCEAHAKEDPLLTPVPASENPFRE C
4 'polypeptide(L)'
;MLLVNQSHQGFNKEHTSKMVSAIVLYVLLAAAAHSAFAVQLVESGGGLVQPGGSRKLSCSASGFAFSSFGMHWVRQAPEK
GLEWVAYISSGSGTIYYADTVKGRFTISRDDPKNTLFLQMTSLRSEDTAMYYCVRSIYYYGSSPFDFWGQGTTLTVSAGG
GGSGGGGSGGGGSADIVMTQATSSVPVTPGESVSISCRSSKSLLHSNGNTYLYWFLQRPGQSPQLLIYRMSNLASGVPDR
FSGSGSGTAFTLTISRLEAEDVGVYYCMQHLEYPLTFGAGTKLEL
;
E
5 'polypeptide(L)'
;METNFSTPLNEYEEVSYESAGYTVLRILPLVVLGVTFVLGVLGNGLVIWVAGFRMTRTVTTICYLNLALADFSFTATLPF
LIVSMAMGEKWPFGWFLCKLIHIVVDINLFGSVFLIGFIALDRCICVLHPVWAQNHRTVSLAMKVIVGPWILALVLTLPV
FLFLTTVTIPNGDTYCTFNFASWGGTPEERLKVAITMLTARGIIRFVIGFSLPMSIVAICYGLIAAKIHKKGMIKSSRPL
RVLTAVVASFFICWFPFQLVALLGTVWLKEMLFYGKYKIIDILVNPTSSLAFFNSCLNPMLYVFVGQDFRERLIHSLPTS
LERALSEDSAPTNDTAANSASPPAETELQAM
;
R
#
# COMPACT_ATOMS: atom_id res chain seq x y z
N LEU A 5 -17.53 15.41 -15.57
CA LEU A 5 -16.38 15.10 -14.74
C LEU A 5 -16.81 14.34 -13.48
N SER A 6 -17.66 14.98 -12.67
CA SER A 6 -18.10 14.40 -11.40
C SER A 6 -19.28 15.21 -10.89
N ALA A 7 -20.10 14.57 -10.05
CA ALA A 7 -21.17 15.27 -9.34
C ALA A 7 -20.96 15.26 -7.84
N GLU A 8 -20.82 14.08 -7.24
CA GLU A 8 -20.18 13.96 -5.95
C GLU A 8 -19.04 12.95 -5.96
N ASP A 9 -18.69 12.39 -7.12
CA ASP A 9 -17.44 11.66 -7.23
C ASP A 9 -16.27 12.55 -6.84
N LYS A 10 -16.41 13.86 -6.93
CA LYS A 10 -15.42 14.76 -6.35
C LYS A 10 -15.33 14.57 -4.85
N ALA A 11 -16.46 14.45 -4.17
CA ALA A 11 -16.43 14.15 -2.74
C ALA A 11 -15.85 12.76 -2.48
N ALA A 12 -16.13 11.81 -3.37
CA ALA A 12 -15.58 10.47 -3.22
C ALA A 12 -14.06 10.48 -3.30
N VAL A 13 -13.52 11.21 -4.30
CA VAL A 13 -12.07 11.26 -4.43
C VAL A 13 -11.46 12.08 -3.29
N GLU A 14 -12.21 13.04 -2.75
CA GLU A 14 -11.72 13.75 -1.57
C GLU A 14 -11.61 12.81 -0.37
N ARG A 15 -12.61 11.95 -0.17
CA ARG A 15 -12.52 10.95 0.88
C ARG A 15 -11.35 10.01 0.64
N SER A 16 -11.14 9.62 -0.62
CA SER A 16 -10.02 8.74 -0.93
C SER A 16 -8.69 9.41 -0.59
N LYS A 17 -8.54 10.69 -0.94
CA LYS A 17 -7.31 11.41 -0.62
C LYS A 17 -7.11 11.52 0.88
N MET A 18 -8.19 11.77 1.62
CA MET A 18 -8.08 11.88 3.07
C MET A 18 -7.61 10.57 3.70
N ILE A 19 -8.20 9.45 3.27
CA ILE A 19 -7.78 8.20 3.90
C ILE A 19 -6.41 7.75 3.37
N ASP A 20 -6.01 8.19 2.18
CA ASP A 20 -4.63 7.97 1.75
C ASP A 20 -3.66 8.74 2.64
N ARG A 21 -4.02 9.97 3.01
CA ARG A 21 -3.21 10.73 3.95
C ARG A 21 -3.13 10.02 5.29
N ASN A 22 -4.25 9.46 5.76
CA ASN A 22 -4.23 8.72 7.00
C ASN A 22 -3.36 7.47 6.90
N LEU A 23 -3.40 6.78 5.77
CA LEU A 23 -2.53 5.62 5.58
C LEU A 23 -1.06 6.01 5.63
N ARG A 24 -0.64 7.11 5.04
CA ARG A 24 0.75 7.50 5.16
C ARG A 24 1.03 7.85 6.59
N GLU A 25 0.23 8.67 7.21
CA GLU A 25 0.57 9.08 8.56
C GLU A 25 0.54 7.94 9.56
N ASP A 26 -0.08 6.81 9.20
CA ASP A 26 0.01 5.61 10.02
C ASP A 26 1.20 4.73 9.67
N GLY A 27 1.55 4.66 8.40
CA GLY A 27 2.74 3.93 7.98
C GLY A 27 4.00 4.57 8.48
N GLU A 28 4.08 5.90 8.44
CA GLU A 28 5.23 6.59 8.95
C GLU A 28 5.38 6.45 10.46
N LYS A 29 4.30 6.18 11.17
CA LYS A 29 4.35 5.96 12.60
C LYS A 29 4.59 4.51 12.97
N ALA A 30 4.20 3.57 12.11
CA ALA A 30 4.48 2.16 12.32
C ALA A 30 5.85 1.76 11.78
N ALA A 31 6.50 2.63 11.01
CA ALA A 31 7.85 2.37 10.52
C ALA A 31 8.93 2.90 11.46
N ARG A 32 8.56 3.65 12.50
CA ARG A 32 9.56 4.08 13.47
C ARG A 32 9.95 2.96 14.41
N GLU A 33 9.02 2.09 14.75
CA GLU A 33 9.32 0.97 15.63
C GLU A 33 10.20 -0.04 14.92
N VAL A 34 11.04 -0.72 15.70
CA VAL A 34 11.95 -1.73 15.18
C VAL A 34 11.45 -3.09 15.63
N LYS A 35 11.43 -4.05 14.70
CA LYS A 35 10.78 -5.33 14.92
C LYS A 35 11.80 -6.42 15.18
N LEU A 36 11.45 -7.33 16.09
CA LEU A 36 12.32 -8.45 16.47
C LEU A 36 11.50 -9.72 16.56
N LEU A 37 12.02 -10.80 15.97
CA LEU A 37 11.50 -12.12 16.31
C LEU A 37 12.08 -12.58 17.65
N LEU A 38 11.43 -13.60 18.21
CA LEU A 38 11.92 -14.26 19.42
C LEU A 38 11.64 -15.74 19.25
N LEU A 39 12.61 -16.47 18.71
CA LEU A 39 12.47 -17.89 18.50
C LEU A 39 12.98 -18.64 19.72
N GLY A 40 13.04 -19.96 19.61
CA GLY A 40 13.51 -20.79 20.69
C GLY A 40 13.29 -22.25 20.37
N ALA A 41 13.99 -23.14 21.06
CA ALA A 41 13.84 -24.56 20.79
C ALA A 41 12.80 -25.20 21.71
N GLY A 42 13.03 -25.12 23.02
CA GLY A 42 12.15 -25.75 23.97
C GLY A 42 11.89 -24.88 25.17
N GLU A 43 12.17 -25.43 26.36
CA GLU A 43 12.02 -24.72 27.63
C GLU A 43 13.05 -23.64 27.84
N SER A 44 13.87 -23.36 26.83
CA SER A 44 14.81 -22.25 26.90
C SER A 44 14.11 -20.98 27.36
N GLY A 45 14.81 -20.19 28.16
CA GLY A 45 14.18 -19.10 28.87
C GLY A 45 13.86 -17.96 27.93
N LYS A 46 12.95 -18.17 26.99
CA LYS A 46 12.45 -17.04 26.23
C LYS A 46 11.42 -16.36 27.11
N SER A 47 10.75 -17.12 27.98
CA SER A 47 9.85 -16.53 28.96
C SER A 47 10.61 -15.60 29.89
N THR A 48 11.78 -16.02 30.35
CA THR A 48 12.59 -15.17 31.21
C THR A 48 13.09 -13.93 30.49
N ILE A 49 13.49 -14.06 29.23
CA ILE A 49 13.90 -12.87 28.47
C ILE A 49 12.73 -11.91 28.30
N VAL A 50 11.52 -12.44 28.09
CA VAL A 50 10.34 -11.58 28.01
C VAL A 50 10.10 -10.90 29.35
N LYS A 51 10.31 -11.62 30.44
CA LYS A 51 10.08 -11.05 31.77
C LYS A 51 11.02 -9.89 32.06
N GLN A 52 12.08 -9.72 31.29
CA GLN A 52 12.98 -8.58 31.42
C GLN A 52 12.52 -7.39 30.62
N MET A 53 11.23 -7.30 30.30
CA MET A 53 10.70 -6.15 29.58
C MET A 53 10.39 -5.01 30.55
N LYS A 54 10.47 -3.78 30.04
CA LYS A 54 10.30 -2.60 30.88
C LYS A 54 8.83 -2.32 31.17
N ILE A 55 8.05 -2.03 30.13
CA ILE A 55 6.63 -1.69 30.29
C ILE A 55 5.90 -1.80 28.96
N THR A 182 -4.37 -17.32 22.51
CA THR A 182 -3.57 -18.21 21.67
C THR A 182 -3.10 -17.52 20.41
N GLY A 183 -2.10 -18.10 19.75
CA GLY A 183 -1.59 -17.54 18.52
C GLY A 183 -0.24 -16.89 18.65
N ILE A 184 -0.09 -15.69 18.10
CA ILE A 184 1.16 -14.95 18.15
C ILE A 184 0.99 -13.80 19.13
N VAL A 185 1.85 -13.76 20.14
CA VAL A 185 1.76 -12.76 21.20
C VAL A 185 2.82 -11.70 20.99
N GLU A 186 2.43 -10.44 21.13
CA GLU A 186 3.31 -9.30 20.90
C GLU A 186 3.65 -8.62 22.22
N THR A 187 4.81 -7.98 22.26
CA THR A 187 5.24 -7.20 23.42
C THR A 187 5.86 -5.90 22.92
N HIS A 188 5.38 -4.78 23.46
CA HIS A 188 5.86 -3.46 23.08
C HIS A 188 6.55 -2.82 24.27
N PHE A 189 7.76 -2.29 24.04
CA PHE A 189 8.50 -1.61 25.09
C PHE A 189 9.46 -0.63 24.46
N THR A 190 9.79 0.42 25.20
CA THR A 190 10.69 1.46 24.72
C THR A 190 11.90 1.58 25.63
N PHE A 191 13.07 1.77 25.02
CA PHE A 191 14.30 1.98 25.77
C PHE A 191 15.08 3.10 25.09
N LYS A 192 15.48 4.09 25.88
CA LYS A 192 16.28 5.22 25.40
C LYS A 192 15.71 5.81 24.12
N ASP A 193 14.42 6.14 24.16
CA ASP A 193 13.73 6.83 23.07
C ASP A 193 13.76 6.00 21.79
N LEU A 194 13.70 4.68 21.94
CA LEU A 194 13.59 3.78 20.80
C LEU A 194 12.48 2.77 21.09
N HIS A 195 11.53 2.64 20.17
CA HIS A 195 10.38 1.78 20.38
C HIS A 195 10.64 0.40 19.77
N PHE A 196 10.33 -0.64 20.54
CA PHE A 196 10.60 -2.02 20.16
C PHE A 196 9.30 -2.78 19.95
N LYS A 197 9.41 -3.89 19.22
CA LYS A 197 8.33 -4.86 19.08
C LYS A 197 8.96 -6.24 19.05
N MET A 198 8.47 -7.14 19.91
CA MET A 198 8.99 -8.49 20.01
C MET A 198 7.88 -9.48 19.70
N PHE A 199 7.94 -10.08 18.51
CA PHE A 199 6.95 -11.07 18.09
C PHE A 199 7.40 -12.43 18.59
N ASP A 200 6.60 -13.05 19.45
CA ASP A 200 6.92 -14.33 20.05
C ASP A 200 6.07 -15.40 19.40
N VAL A 201 6.71 -16.35 18.74
CA VAL A 201 6.01 -17.53 18.22
C VAL A 201 6.50 -18.74 19.01
N GLY A 202 5.88 -19.89 18.78
CA GLY A 202 6.17 -21.10 19.52
C GLY A 202 4.93 -21.83 19.97
N GLY A 203 3.88 -21.08 20.32
CA GLY A 203 2.56 -21.69 20.45
C GLY A 203 1.99 -22.07 19.09
N GLN A 204 2.60 -21.60 18.01
CA GLN A 204 2.16 -21.88 16.65
C GLN A 204 2.81 -23.19 16.23
N ARG A 205 2.26 -24.29 16.72
CA ARG A 205 2.80 -25.62 16.41
C ARG A 205 2.35 -26.02 15.02
N SER A 206 3.18 -25.71 14.03
CA SER A 206 2.88 -26.04 12.64
C SER A 206 4.19 -26.02 11.85
N GLU A 207 4.10 -26.31 10.56
CA GLU A 207 5.29 -26.33 9.71
C GLU A 207 5.79 -24.91 9.51
N ARG A 208 7.06 -24.69 9.87
CA ARG A 208 7.62 -23.34 9.84
C ARG A 208 7.62 -22.77 8.43
N LYS A 209 8.01 -23.58 7.45
CA LYS A 209 8.26 -23.12 6.09
C LYS A 209 7.07 -22.41 5.45
N LYS A 210 5.91 -22.43 6.09
CA LYS A 210 4.74 -21.79 5.50
C LYS A 210 4.53 -20.36 5.97
N TRP A 211 4.86 -20.05 7.22
CA TRP A 211 4.67 -18.71 7.75
C TRP A 211 5.96 -18.01 8.14
N ILE A 212 7.12 -18.67 8.04
CA ILE A 212 8.36 -18.00 8.39
C ILE A 212 8.70 -16.89 7.43
N HIS A 213 8.09 -16.86 6.24
CA HIS A 213 8.40 -15.82 5.28
C HIS A 213 7.63 -14.53 5.55
N CYS A 214 6.74 -14.52 6.53
CA CYS A 214 6.06 -13.27 6.88
C CYS A 214 6.99 -12.28 7.55
N PHE A 215 7.95 -12.76 8.35
CA PHE A 215 8.88 -11.88 9.05
C PHE A 215 10.12 -11.60 8.20
N GLU A 216 9.94 -11.19 6.95
CA GLU A 216 11.10 -11.02 6.08
C GLU A 216 11.89 -9.76 6.45
N GLY A 217 11.22 -8.70 6.86
CA GLY A 217 11.89 -7.44 7.05
C GLY A 217 12.25 -7.12 8.48
N VAL A 218 12.27 -8.11 9.33
CA VAL A 218 12.57 -7.88 10.74
C VAL A 218 14.05 -7.50 10.86
N THR A 219 14.34 -6.63 11.82
CA THR A 219 15.70 -6.16 12.00
C THR A 219 16.61 -7.22 12.59
N ALA A 220 16.15 -7.93 13.61
CA ALA A 220 16.97 -8.94 14.26
C ALA A 220 16.08 -10.12 14.65
N ILE A 221 16.74 -11.22 15.04
CA ILE A 221 16.05 -12.43 15.48
C ILE A 221 16.67 -12.80 16.83
N ILE A 222 16.05 -12.36 17.91
CA ILE A 222 16.55 -12.71 19.23
C ILE A 222 16.35 -14.20 19.46
N PHE A 223 17.45 -14.94 19.49
CA PHE A 223 17.46 -16.38 19.65
C PHE A 223 17.73 -16.71 21.11
N CYS A 224 17.21 -17.85 21.56
CA CYS A 224 17.44 -18.28 22.94
C CYS A 224 17.61 -19.79 22.95
N VAL A 225 18.65 -20.25 23.64
CA VAL A 225 18.89 -21.67 23.87
C VAL A 225 19.23 -21.85 25.34
N ALA A 226 19.29 -23.11 25.77
CA ALA A 226 19.53 -23.45 27.15
C ALA A 226 20.88 -24.13 27.28
N LEU A 227 21.76 -23.57 28.10
CA LEU A 227 23.04 -24.19 28.35
C LEU A 227 22.90 -25.48 29.17
N SER A 228 21.86 -25.58 29.98
CA SER A 228 21.54 -26.81 30.68
C SER A 228 20.50 -27.54 29.85
N ASP A 229 20.96 -28.17 28.77
CA ASP A 229 20.08 -28.88 27.85
C ASP A 229 20.53 -30.32 27.65
N TYR A 230 21.22 -30.90 28.62
CA TYR A 230 21.72 -32.26 28.46
C TYR A 230 20.65 -33.29 28.82
N ASP A 231 19.55 -32.84 29.43
CA ASP A 231 18.45 -33.73 29.73
C ASP A 231 17.56 -33.97 28.51
N LEU A 232 17.70 -33.16 27.46
CA LEU A 232 16.80 -33.27 26.31
C LEU A 232 16.90 -34.64 25.67
N VAL A 233 15.74 -35.21 25.37
CA VAL A 233 15.65 -36.52 24.74
C VAL A 233 14.94 -36.39 23.40
N MET A 243 20.09 -30.86 23.24
CA MET A 243 20.61 -29.58 22.78
C MET A 243 20.80 -29.58 21.28
N HIS A 244 21.15 -30.75 20.73
CA HIS A 244 21.32 -30.87 19.30
C HIS A 244 20.08 -30.39 18.55
N GLU A 245 18.90 -30.62 19.12
CA GLU A 245 17.69 -30.09 18.51
C GLU A 245 17.75 -28.58 18.41
N SER A 246 18.21 -27.91 19.46
CA SER A 246 18.44 -26.48 19.37
C SER A 246 19.54 -26.18 18.36
N MET A 247 20.62 -26.96 18.38
CA MET A 247 21.69 -26.77 17.42
C MET A 247 21.21 -27.02 16.00
N LYS A 248 20.36 -28.03 15.82
CA LYS A 248 19.78 -28.27 14.51
C LYS A 248 18.86 -27.13 14.09
N LEU A 249 18.07 -26.61 15.04
CA LEU A 249 17.12 -25.56 14.71
C LEU A 249 17.85 -24.28 14.29
N PHE A 250 18.96 -23.96 14.95
CA PHE A 250 19.68 -22.74 14.61
C PHE A 250 20.18 -22.76 13.19
N ASP A 251 20.58 -23.94 12.69
CA ASP A 251 21.02 -24.04 11.31
C ASP A 251 19.90 -23.69 10.34
N SER A 252 18.67 -24.11 10.65
CA SER A 252 17.55 -23.86 9.75
C SER A 252 17.25 -22.38 9.64
N ILE A 253 17.35 -21.64 10.73
CA ILE A 253 16.91 -20.25 10.72
C ILE A 253 18.03 -19.28 10.36
N CYS A 254 19.29 -19.62 10.67
CA CYS A 254 20.39 -18.74 10.32
C CYS A 254 20.74 -18.81 8.85
N ASN A 255 20.61 -19.99 8.23
CA ASN A 255 20.93 -20.19 6.83
C ASN A 255 19.69 -20.17 5.95
N ASN A 256 18.56 -19.75 6.48
CA ASN A 256 17.32 -19.71 5.71
C ASN A 256 17.46 -18.73 4.56
N LYS A 257 16.61 -18.91 3.54
CA LYS A 257 16.71 -18.11 2.34
C LYS A 257 16.12 -16.73 2.47
N TRP A 258 15.31 -16.48 3.50
CA TRP A 258 14.71 -15.17 3.71
C TRP A 258 15.49 -14.29 4.67
N PHE A 259 16.52 -14.81 5.32
CA PHE A 259 17.26 -14.11 6.34
C PHE A 259 18.74 -14.01 5.99
N THR A 260 19.04 -13.75 4.71
CA THR A 260 20.43 -13.67 4.29
C THR A 260 21.13 -12.45 4.83
N ASP A 261 20.40 -11.41 5.21
CA ASP A 261 20.97 -10.15 5.66
C ASP A 261 20.29 -9.66 6.93
N THR A 262 20.13 -10.55 7.90
CA THR A 262 19.46 -10.23 9.15
C THR A 262 20.31 -10.71 10.31
N SER A 263 20.69 -9.78 11.19
CA SER A 263 21.52 -10.14 12.34
C SER A 263 20.75 -11.02 13.30
N ILE A 264 21.48 -11.85 14.04
CA ILE A 264 20.89 -12.81 14.96
C ILE A 264 21.51 -12.59 16.33
N ILE A 265 20.82 -11.89 17.20
CA ILE A 265 21.21 -11.82 18.60
C ILE A 265 20.97 -13.18 19.23
N LEU A 266 21.97 -13.68 19.95
CA LEU A 266 21.94 -15.01 20.52
C LEU A 266 22.10 -14.92 22.03
N PHE A 267 21.16 -15.50 22.77
CA PHE A 267 21.14 -15.43 24.22
C PHE A 267 21.43 -16.82 24.79
N LEU A 268 22.62 -16.99 25.32
CA LEU A 268 22.94 -18.18 26.10
C LEU A 268 22.40 -17.99 27.51
N ASN A 269 21.51 -18.88 27.93
CA ASN A 269 20.80 -18.73 29.20
C ASN A 269 21.34 -19.69 30.26
N LYS A 270 20.92 -19.44 31.49
CA LYS A 270 21.13 -20.35 32.62
C LYS A 270 22.62 -20.65 32.84
N LYS A 271 23.42 -19.60 32.75
CA LYS A 271 24.84 -19.73 33.04
C LYS A 271 25.08 -20.24 34.46
N ASP A 272 24.20 -19.85 35.40
CA ASP A 272 24.33 -20.36 36.76
C ASP A 272 24.15 -21.87 36.80
N LEU A 273 23.16 -22.38 36.07
CA LEU A 273 22.96 -23.82 36.02
C LEU A 273 24.14 -24.51 35.36
N PHE A 274 24.69 -23.91 34.31
CA PHE A 274 25.91 -24.46 33.71
C PHE A 274 27.04 -24.56 34.72
N GLU A 275 27.25 -23.49 35.48
CA GLU A 275 28.32 -23.50 36.48
C GLU A 275 28.07 -24.57 37.53
N GLU A 276 26.83 -24.72 37.98
CA GLU A 276 26.51 -25.72 38.98
C GLU A 276 26.55 -27.15 38.44
N LYS A 277 26.41 -27.32 37.12
CA LYS A 277 26.30 -28.65 36.54
C LYS A 277 27.62 -29.21 36.02
N ILE A 278 28.44 -28.38 35.36
CA ILE A 278 29.65 -28.92 34.76
C ILE A 278 30.67 -29.36 35.80
N LYS A 279 30.53 -28.93 37.05
CA LYS A 279 31.50 -29.28 38.07
C LYS A 279 31.53 -30.78 38.37
N LYS A 280 30.46 -31.50 38.05
CA LYS A 280 30.38 -32.93 38.33
C LYS A 280 29.84 -33.68 37.13
N SER A 281 30.36 -33.36 35.94
CA SER A 281 29.88 -33.98 34.71
C SER A 281 30.87 -33.64 33.60
N PRO A 282 30.91 -34.44 32.54
CA PRO A 282 31.71 -34.08 31.37
C PRO A 282 30.91 -33.26 30.37
N LEU A 283 31.63 -32.53 29.54
CA LEU A 283 31.05 -31.94 28.35
C LEU A 283 30.97 -32.94 27.20
N THR A 284 31.67 -34.08 27.31
CA THR A 284 31.70 -35.04 26.23
C THR A 284 30.34 -35.66 25.95
N ILE A 285 29.39 -35.53 26.87
CA ILE A 285 28.05 -36.06 26.63
C ILE A 285 27.44 -35.40 25.41
N CYS A 286 27.56 -34.08 25.32
CA CYS A 286 27.05 -33.38 24.14
C CYS A 286 27.98 -33.54 22.95
N TYR A 287 29.28 -33.57 23.20
CA TYR A 287 30.28 -33.68 22.14
C TYR A 287 31.43 -34.58 22.60
N PRO A 288 31.36 -35.87 22.31
CA PRO A 288 32.44 -36.77 22.76
C PRO A 288 33.81 -36.41 22.24
N GLU A 289 33.89 -35.92 21.00
CA GLU A 289 35.17 -35.59 20.40
C GLU A 289 35.83 -34.37 21.01
N TYR A 290 35.13 -33.64 21.87
CA TYR A 290 35.70 -32.44 22.48
C TYR A 290 36.93 -32.80 23.30
N ALA A 291 37.99 -32.01 23.12
CA ALA A 291 39.25 -32.20 23.84
C ALA A 291 39.62 -30.90 24.51
N GLY A 292 39.21 -30.73 25.76
CA GLY A 292 39.56 -29.54 26.50
C GLY A 292 39.27 -29.74 27.97
N SER A 293 39.63 -28.73 28.75
CA SER A 293 39.47 -28.80 30.19
C SER A 293 38.00 -28.85 30.56
N ASN A 294 37.73 -29.02 31.85
CA ASN A 294 36.37 -28.96 32.39
C ASN A 294 36.30 -27.77 33.33
N THR A 295 36.05 -26.60 32.74
CA THR A 295 35.97 -25.35 33.48
C THR A 295 34.97 -24.44 32.78
N TYR A 296 34.36 -23.54 33.53
CA TYR A 296 33.23 -22.77 33.03
C TYR A 296 33.64 -21.94 31.82
N GLU A 297 34.76 -21.22 31.92
CA GLU A 297 35.15 -20.34 30.84
C GLU A 297 35.44 -21.11 29.56
N GLU A 298 36.20 -22.20 29.67
CA GLU A 298 36.54 -22.98 28.48
C GLU A 298 35.30 -23.57 27.85
N ALA A 299 34.41 -24.14 28.67
CA ALA A 299 33.19 -24.74 28.13
C ALA A 299 32.33 -23.70 27.44
N ALA A 300 32.19 -22.52 28.07
CA ALA A 300 31.38 -21.47 27.48
C ALA A 300 31.94 -21.01 26.15
N ALA A 301 33.26 -20.80 26.09
CA ALA A 301 33.87 -20.39 24.84
C ALA A 301 33.66 -21.43 23.76
N TYR A 302 33.84 -22.71 24.10
CA TYR A 302 33.69 -23.76 23.11
C TYR A 302 32.27 -23.82 22.59
N ILE A 303 31.28 -23.72 23.48
CA ILE A 303 29.89 -23.83 23.02
C ILE A 303 29.50 -22.61 22.20
N GLN A 304 29.98 -21.42 22.56
CA GLN A 304 29.68 -20.24 21.77
C GLN A 304 30.26 -20.36 20.38
N CYS A 305 31.51 -20.82 20.28
CA CYS A 305 32.10 -21.05 18.96
C CYS A 305 31.30 -22.09 18.19
N GLN A 306 30.85 -23.13 18.90
CA GLN A 306 30.14 -24.22 18.22
C GLN A 306 28.84 -23.75 17.60
N PHE A 307 28.08 -22.91 18.31
CA PHE A 307 26.91 -22.32 17.64
C PHE A 307 27.30 -21.31 16.58
N GLU A 308 28.35 -20.54 16.80
CA GLU A 308 28.65 -19.46 15.87
C GLU A 308 29.09 -19.98 14.51
N ASP A 309 29.84 -21.08 14.46
CA ASP A 309 30.38 -21.48 13.17
C ASP A 309 29.34 -22.15 12.26
N LEU A 310 28.14 -22.46 12.77
CA LEU A 310 27.07 -22.92 11.88
C LEU A 310 26.67 -21.88 10.86
N ASN A 311 26.97 -20.61 11.11
CA ASN A 311 26.68 -19.59 10.11
C ASN A 311 27.48 -19.89 8.84
N LYS A 312 26.77 -20.01 7.73
CA LYS A 312 27.41 -20.29 6.45
C LYS A 312 27.55 -19.07 5.57
N ARG A 313 26.94 -17.95 5.95
CA ARG A 313 27.08 -16.69 5.24
C ARG A 313 27.72 -15.71 6.22
N LYS A 314 29.05 -15.74 6.29
CA LYS A 314 29.79 -14.97 7.25
C LYS A 314 29.97 -13.51 6.84
N ASP A 315 29.59 -13.16 5.61
CA ASP A 315 29.89 -11.85 5.07
C ASP A 315 28.82 -10.81 5.40
N THR A 316 27.55 -11.14 5.19
CA THR A 316 26.48 -10.17 5.29
C THR A 316 25.64 -10.32 6.56
N LYS A 317 26.12 -11.05 7.55
CA LYS A 317 25.40 -11.23 8.80
C LYS A 317 26.31 -10.90 9.97
N GLU A 318 25.81 -11.15 11.18
CA GLU A 318 26.61 -10.97 12.39
C GLU A 318 25.88 -11.67 13.52
N ILE A 319 26.63 -12.43 14.31
CA ILE A 319 26.03 -13.17 15.42
C ILE A 319 26.50 -12.59 16.73
N TYR A 320 25.75 -11.65 17.27
CA TYR A 320 26.04 -11.12 18.60
C TYR A 320 25.71 -12.17 19.65
N THR A 321 26.56 -12.26 20.67
CA THR A 321 26.43 -13.31 21.68
C THR A 321 26.49 -12.67 23.06
N HIS A 322 25.81 -13.29 24.01
CA HIS A 322 25.78 -12.80 25.38
C HIS A 322 25.52 -13.96 26.32
N PHE A 323 26.04 -13.84 27.53
CA PHE A 323 25.89 -14.87 28.57
C PHE A 323 25.06 -14.28 29.69
N THR A 324 23.75 -14.37 29.56
CA THR A 324 22.86 -13.81 30.57
C THR A 324 22.50 -14.86 31.62
N CYS A 325 21.94 -14.38 32.72
CA CYS A 325 21.43 -15.23 33.78
C CYS A 325 20.03 -14.76 34.15
N ALA A 326 19.40 -15.46 35.09
CA ALA A 326 18.08 -15.07 35.55
C ALA A 326 18.10 -13.80 36.38
N THR A 327 19.27 -13.30 36.75
CA THR A 327 19.38 -12.10 37.56
C THR A 327 19.97 -10.91 36.81
N ASP A 328 20.54 -11.13 35.64
CA ASP A 328 21.16 -10.03 34.90
C ASP A 328 20.12 -8.98 34.52
N THR A 329 20.56 -7.72 34.50
CA THR A 329 19.66 -6.60 34.23
C THR A 329 20.13 -5.73 33.08
N LYS A 330 21.09 -6.19 32.28
CA LYS A 330 21.60 -5.43 31.14
C LYS A 330 21.29 -6.10 29.81
N ASN A 331 20.36 -7.07 29.82
CA ASN A 331 19.97 -7.73 28.58
C ASN A 331 19.35 -6.73 27.61
N VAL A 332 18.49 -5.86 28.11
CA VAL A 332 17.89 -4.84 27.26
C VAL A 332 18.97 -3.93 26.69
N GLN A 333 19.98 -3.62 27.50
CA GLN A 333 21.07 -2.78 27.01
C GLN A 333 21.82 -3.46 25.86
N PHE A 334 22.07 -4.76 26.02
CA PHE A 334 22.74 -5.48 24.95
C PHE A 334 21.89 -5.50 23.67
N VAL A 335 20.59 -5.72 23.82
CA VAL A 335 19.72 -5.72 22.65
C VAL A 335 19.72 -4.35 21.99
N PHE A 336 19.73 -3.29 22.80
CA PHE A 336 19.76 -1.93 22.27
C PHE A 336 21.03 -1.68 21.47
N ASP A 337 22.17 -2.10 22.00
CA ASP A 337 23.42 -1.93 21.29
C ASP A 337 23.41 -2.69 19.96
N ALA A 338 22.94 -3.94 19.98
CA ALA A 338 22.89 -4.72 18.75
C ALA A 338 21.97 -4.07 17.72
N VAL A 339 20.81 -3.59 18.16
CA VAL A 339 19.85 -3.03 17.22
C VAL A 339 20.38 -1.73 16.63
N THR A 340 21.03 -0.90 17.44
CA THR A 340 21.56 0.35 16.88
C THR A 340 22.71 0.07 15.91
N ASP A 341 23.52 -0.95 16.19
CA ASP A 341 24.55 -1.31 15.22
C ASP A 341 23.93 -1.77 13.90
N VAL A 342 22.87 -2.57 13.97
CA VAL A 342 22.22 -3.01 12.75
C VAL A 342 21.59 -1.84 12.01
N ILE A 343 21.05 -0.86 12.75
CA ILE A 343 20.48 0.32 12.12
C ILE A 343 21.54 1.09 11.36
N ILE A 344 22.71 1.27 11.97
CA ILE A 344 23.82 1.94 11.28
C ILE A 344 24.20 1.16 10.03
N LYS A 345 24.27 -0.16 10.14
CA LYS A 345 24.60 -1.00 8.98
C LYS A 345 23.62 -0.75 7.84
N ASN A 346 22.32 -0.81 8.15
CA ASN A 346 21.30 -0.65 7.12
C ASN A 346 21.36 0.73 6.49
N ASN A 347 21.55 1.77 7.31
CA ASN A 347 21.61 3.11 6.77
C ASN A 347 22.79 3.26 5.82
N LEU A 348 23.94 2.71 6.19
CA LEU A 348 25.10 2.79 5.31
C LEU A 348 24.87 2.02 4.02
N LYS A 349 24.30 0.83 4.10
CA LYS A 349 24.06 0.04 2.90
C LYS A 349 23.02 0.70 2.00
N ASP A 350 22.11 1.47 2.58
CA ASP A 350 21.18 2.25 1.76
C ASP A 350 21.89 3.43 1.10
N CYS A 351 22.72 4.14 1.86
CA CYS A 351 23.43 5.29 1.32
C CYS A 351 24.46 4.89 0.27
N GLY A 352 24.84 3.62 0.23
CA GLY A 352 25.75 3.13 -0.79
C GLY A 352 27.20 3.05 -0.36
N LEU A 353 27.55 3.65 0.78
CA LEU A 353 28.93 3.56 1.26
C LEU A 353 29.32 2.13 1.57
N PHE A 354 28.42 1.38 2.17
CA PHE A 354 28.71 0.02 2.60
C PHE A 354 28.27 -0.99 1.56
N ASP B 23 -4.21 -49.94 16.72
CA ASP B 23 -3.84 -51.34 16.77
C ASP B 23 -3.42 -51.84 15.39
N GLN B 24 -4.17 -52.79 14.86
CA GLN B 24 -3.97 -53.30 13.52
C GLN B 24 -4.79 -52.56 12.48
N LEU B 25 -5.45 -51.47 12.89
CA LEU B 25 -6.41 -50.81 11.99
C LEU B 25 -5.76 -50.37 10.69
N ARG B 26 -4.44 -50.18 10.70
CA ARG B 26 -3.73 -49.81 9.48
C ARG B 26 -3.94 -50.83 8.38
N GLN B 27 -4.12 -52.11 8.74
CA GLN B 27 -4.31 -53.14 7.72
C GLN B 27 -5.56 -52.91 6.89
N GLU B 28 -6.72 -52.77 7.55
CA GLU B 28 -7.93 -52.51 6.77
C GLU B 28 -7.91 -51.10 6.18
N ALA B 29 -7.24 -50.16 6.84
CA ALA B 29 -7.11 -48.83 6.24
C ALA B 29 -6.44 -48.92 4.87
N GLU B 30 -5.30 -49.58 4.79
CA GLU B 30 -4.63 -49.71 3.50
C GLU B 30 -5.42 -50.60 2.55
N GLN B 31 -6.14 -51.60 3.06
CA GLN B 31 -6.95 -52.42 2.18
C GLN B 31 -8.05 -51.60 1.49
N LEU B 32 -8.75 -50.76 2.27
CA LEU B 32 -9.74 -49.87 1.69
C LEU B 32 -9.10 -48.90 0.71
N LYS B 33 -7.93 -48.37 1.05
CA LYS B 33 -7.24 -47.49 0.11
C LYS B 33 -6.95 -48.21 -1.20
N ASN B 34 -6.52 -49.46 -1.13
CA ASN B 34 -6.19 -50.22 -2.33
C ASN B 34 -7.41 -50.52 -3.17
N GLN B 35 -8.53 -50.89 -2.55
CA GLN B 35 -9.73 -51.14 -3.35
C GLN B 35 -10.29 -49.85 -3.92
N ILE B 36 -10.10 -48.73 -3.22
CA ILE B 36 -10.44 -47.43 -3.81
C ILE B 36 -9.63 -47.21 -5.07
N ARG B 37 -8.31 -47.44 -4.99
CA ARG B 37 -7.48 -47.30 -6.18
C ARG B 37 -7.94 -48.23 -7.29
N ASP B 38 -8.36 -49.44 -6.92
CA ASP B 38 -8.86 -50.39 -7.92
C ASP B 38 -10.09 -49.84 -8.64
N ALA B 39 -11.04 -49.29 -7.86
CA ALA B 39 -12.22 -48.71 -8.49
C ALA B 39 -11.85 -47.52 -9.38
N ARG B 40 -10.91 -46.69 -8.92
CA ARG B 40 -10.45 -45.58 -9.72
C ARG B 40 -9.91 -46.06 -11.06
N LYS B 41 -9.11 -47.13 -11.02
CA LYS B 41 -8.62 -47.73 -12.26
C LYS B 41 -9.78 -48.24 -13.10
N ALA B 42 -10.79 -48.82 -12.46
CA ALA B 42 -11.96 -49.33 -13.17
C ALA B 42 -12.75 -48.22 -13.83
N CYS B 43 -12.62 -46.97 -13.38
CA CYS B 43 -13.37 -45.88 -13.96
C CYS B 43 -12.68 -45.22 -15.16
N ALA B 44 -11.36 -45.35 -15.29
CA ALA B 44 -10.60 -44.63 -16.31
C ALA B 44 -10.76 -45.35 -17.65
N ASP B 45 -11.85 -45.03 -18.35
CA ASP B 45 -12.11 -45.58 -19.67
C ASP B 45 -11.84 -44.60 -20.81
N ALA B 46 -11.29 -43.43 -20.51
CA ALA B 46 -11.02 -42.43 -21.54
C ALA B 46 -10.06 -41.40 -20.96
N THR B 47 -9.49 -40.59 -21.83
CA THR B 47 -8.55 -39.55 -21.44
C THR B 47 -8.89 -38.24 -22.14
N LEU B 48 -8.73 -37.14 -21.40
CA LEU B 48 -8.93 -35.83 -22.00
C LEU B 48 -7.98 -35.62 -23.17
N SER B 49 -6.77 -36.18 -23.07
CA SER B 49 -5.82 -36.06 -24.18
C SER B 49 -6.38 -36.71 -25.44
N GLN B 50 -6.97 -37.90 -25.30
CA GLN B 50 -7.59 -38.53 -26.46
C GLN B 50 -8.78 -37.73 -26.98
N ILE B 51 -9.61 -37.21 -26.09
CA ILE B 51 -10.80 -36.50 -26.53
C ILE B 51 -10.48 -35.18 -27.22
N THR B 52 -9.49 -34.42 -26.74
CA THR B 52 -9.18 -33.11 -27.28
C THR B 52 -8.34 -33.17 -28.55
N ASN B 53 -8.31 -34.33 -29.22
CA ASN B 53 -7.50 -34.52 -30.41
C ASN B 53 -7.61 -33.36 -31.40
N ASN B 54 -8.82 -32.98 -31.75
CA ASN B 54 -9.06 -31.91 -32.71
C ASN B 54 -9.96 -30.83 -32.07
N ILE B 55 -9.33 -29.94 -31.31
CA ILE B 55 -9.97 -28.75 -30.78
C ILE B 55 -9.04 -27.58 -31.04
N ASP B 56 -9.60 -26.51 -31.58
CA ASP B 56 -8.79 -25.37 -31.97
C ASP B 56 -8.15 -24.72 -30.74
N PRO B 57 -6.86 -24.41 -30.77
CA PRO B 57 -6.24 -23.71 -29.65
C PRO B 57 -6.85 -22.32 -29.46
N VAL B 58 -6.85 -21.86 -28.21
CA VAL B 58 -7.49 -20.59 -27.88
C VAL B 58 -6.77 -19.39 -28.46
N GLY B 59 -5.56 -19.56 -28.98
CA GLY B 59 -4.80 -18.45 -29.51
C GLY B 59 -4.17 -17.61 -28.42
N ARG B 60 -3.12 -16.90 -28.80
CA ARG B 60 -2.36 -16.10 -27.83
C ARG B 60 -3.18 -14.90 -27.40
N ILE B 61 -3.51 -14.83 -26.11
CA ILE B 61 -4.20 -13.68 -25.55
C ILE B 61 -3.16 -12.73 -24.98
N GLN B 62 -3.44 -11.45 -25.08
CA GLN B 62 -2.51 -10.41 -24.62
C GLN B 62 -3.29 -9.43 -23.76
N MET B 63 -3.08 -9.49 -22.45
CA MET B 63 -3.72 -8.59 -21.51
C MET B 63 -2.78 -7.44 -21.22
N ARG B 64 -3.31 -6.42 -20.54
CA ARG B 64 -2.51 -5.27 -20.20
C ARG B 64 -3.11 -4.57 -18.99
N THR B 65 -2.24 -3.94 -18.21
CA THR B 65 -2.68 -3.20 -17.04
C THR B 65 -3.64 -2.09 -17.43
N ARG B 66 -4.72 -1.94 -16.67
CA ARG B 66 -5.67 -0.87 -16.90
C ARG B 66 -5.65 0.14 -15.75
N ARG B 67 -5.86 -0.32 -14.53
CA ARG B 67 -5.70 0.50 -13.35
C ARG B 67 -4.60 -0.09 -12.48
N THR B 68 -3.98 0.77 -11.68
CA THR B 68 -2.98 0.35 -10.71
C THR B 68 -3.41 0.87 -9.34
N LEU B 69 -3.73 -0.04 -8.43
CA LEU B 69 -4.35 0.32 -7.15
C LEU B 69 -3.26 0.43 -6.10
N ARG B 70 -2.50 1.51 -6.17
CA ARG B 70 -1.41 1.77 -5.23
C ARG B 70 -1.94 2.40 -3.96
N GLY B 71 -1.21 2.20 -2.88
CA GLY B 71 -1.61 2.75 -1.60
C GLY B 71 -1.26 1.87 -0.41
N HIS B 72 -0.88 0.62 -0.67
CA HIS B 72 -0.38 -0.23 0.40
C HIS B 72 1.07 0.09 0.68
N LEU B 73 1.54 -0.37 1.84
CA LEU B 73 2.91 -0.09 2.27
C LEU B 73 3.70 -1.36 2.60
N ALA B 74 3.17 -2.53 2.29
CA ALA B 74 3.85 -3.78 2.56
C ALA B 74 3.32 -4.83 1.60
N LYS B 75 3.72 -6.08 1.83
CA LYS B 75 3.32 -7.16 0.95
C LYS B 75 1.81 -7.40 1.04
N ILE B 76 1.22 -7.77 -0.10
CA ILE B 76 -0.20 -8.09 -0.20
C ILE B 76 -0.34 -9.60 -0.21
N TYR B 77 -1.29 -10.12 0.57
CA TYR B 77 -1.44 -11.57 0.72
C TYR B 77 -2.73 -12.15 0.17
N ALA B 78 -3.77 -11.34 -0.07
CA ALA B 78 -5.01 -11.89 -0.57
C ALA B 78 -5.88 -10.78 -1.13
N MET B 79 -6.77 -11.16 -2.05
CA MET B 79 -7.86 -10.31 -2.48
C MET B 79 -9.11 -11.16 -2.59
N HIS B 80 -10.24 -10.49 -2.85
CA HIS B 80 -11.47 -11.18 -3.20
C HIS B 80 -12.44 -10.18 -3.79
N TRP B 81 -13.02 -10.53 -4.93
CA TRP B 81 -13.97 -9.64 -5.59
C TRP B 81 -15.35 -9.74 -4.95
N GLY B 82 -16.05 -8.62 -4.95
CA GLY B 82 -17.44 -8.65 -4.54
C GLY B 82 -18.30 -9.30 -5.60
N THR B 83 -19.57 -9.52 -5.25
CA THR B 83 -20.48 -10.13 -6.20
C THR B 83 -20.85 -9.15 -7.30
N ASP B 84 -20.84 -7.85 -7.01
CA ASP B 84 -21.16 -6.85 -8.02
C ASP B 84 -20.05 -6.67 -9.05
N SER B 85 -18.89 -7.28 -8.84
CA SER B 85 -17.76 -7.18 -9.75
C SER B 85 -17.25 -5.76 -9.90
N ARG B 86 -17.39 -4.96 -8.86
CA ARG B 86 -16.81 -3.62 -8.89
C ARG B 86 -15.94 -3.33 -7.67
N LEU B 87 -16.32 -3.83 -6.51
CA LEU B 87 -15.53 -3.64 -5.30
C LEU B 87 -14.61 -4.84 -5.08
N LEU B 88 -13.51 -4.60 -4.37
CA LEU B 88 -12.62 -5.67 -3.99
C LEU B 88 -11.89 -5.29 -2.69
N VAL B 89 -11.55 -6.31 -1.91
CA VAL B 89 -10.89 -6.12 -0.63
C VAL B 89 -9.53 -6.78 -0.68
N SER B 90 -8.52 -6.08 -0.18
CA SER B 90 -7.14 -6.58 -0.18
C SER B 90 -6.58 -6.51 1.24
N ALA B 91 -5.87 -7.57 1.64
CA ALA B 91 -5.28 -7.67 2.95
C ALA B 91 -3.76 -7.59 2.83
N SER B 92 -3.14 -6.89 3.77
CA SER B 92 -1.70 -6.68 3.75
C SER B 92 -1.14 -6.84 5.16
N GLN B 93 0.18 -6.72 5.27
CA GLN B 93 0.85 -6.75 6.56
C GLN B 93 1.01 -5.36 7.17
N ASP B 94 0.55 -4.31 6.48
CA ASP B 94 0.55 -2.99 7.08
C ASP B 94 -0.52 -2.83 8.15
N GLY B 95 -1.33 -3.87 8.38
CA GLY B 95 -2.43 -3.77 9.30
C GLY B 95 -3.68 -3.17 8.74
N LYS B 96 -3.77 -3.04 7.42
CA LYS B 96 -4.88 -2.35 6.77
C LYS B 96 -5.63 -3.30 5.87
N LEU B 97 -6.93 -3.08 5.73
CA LEU B 97 -7.82 -3.88 4.90
C LEU B 97 -8.62 -2.92 4.02
N ILE B 98 -8.05 -2.56 2.88
CA ILE B 98 -8.63 -1.54 2.01
C ILE B 98 -9.70 -2.16 1.13
N ILE B 99 -10.82 -1.47 1.00
CA ILE B 99 -11.88 -1.84 0.06
C ILE B 99 -11.85 -0.84 -1.07
N TRP B 100 -11.32 -1.26 -2.21
CA TRP B 100 -11.10 -0.36 -3.33
C TRP B 100 -12.40 -0.15 -4.10
N ASP B 101 -12.30 0.54 -5.23
CA ASP B 101 -13.40 0.65 -6.19
C ASP B 101 -12.73 0.54 -7.55
N SER B 102 -12.78 -0.65 -8.14
CA SER B 102 -11.96 -0.98 -9.30
C SER B 102 -12.23 -0.06 -10.48
N TYR B 103 -13.39 0.58 -10.55
CA TYR B 103 -13.70 1.42 -11.70
C TYR B 103 -12.93 2.73 -11.67
N THR B 104 -12.84 3.36 -10.51
CA THR B 104 -12.27 4.70 -10.41
C THR B 104 -11.05 4.79 -9.52
N THR B 105 -10.60 3.67 -8.95
CA THR B 105 -9.35 3.53 -8.19
C THR B 105 -9.40 4.27 -6.85
N ASN B 106 -10.46 5.01 -6.56
CA ASN B 106 -10.54 5.68 -5.27
C ASN B 106 -11.01 4.71 -4.20
N LYS B 107 -10.43 4.83 -3.01
CA LYS B 107 -10.72 3.89 -1.95
C LYS B 107 -12.05 4.22 -1.30
N VAL B 108 -12.57 3.26 -0.53
CA VAL B 108 -13.88 3.37 0.11
C VAL B 108 -13.77 3.25 1.63
N HIS B 109 -13.04 2.26 2.11
CA HIS B 109 -12.82 2.08 3.55
C HIS B 109 -11.37 1.72 3.79
N ALA B 110 -10.95 1.89 5.04
CA ALA B 110 -9.62 1.47 5.49
C ALA B 110 -9.78 0.92 6.90
N ILE B 111 -9.83 -0.40 7.01
CA ILE B 111 -10.11 -1.07 8.28
C ILE B 111 -8.79 -1.36 8.98
N PRO B 112 -8.53 -0.78 10.14
CA PRO B 112 -7.32 -1.12 10.89
C PRO B 112 -7.52 -2.35 11.76
N LEU B 113 -6.69 -3.37 11.57
CA LEU B 113 -6.86 -4.63 12.25
C LEU B 113 -6.11 -4.64 13.57
N ARG B 114 -6.53 -5.54 14.47
CA ARG B 114 -5.89 -5.71 15.76
C ARG B 114 -4.67 -6.62 15.69
N SER B 115 -4.40 -7.22 14.54
CA SER B 115 -3.23 -8.08 14.39
C SER B 115 -2.71 -7.91 12.97
N SER B 116 -1.54 -7.30 12.84
CA SER B 116 -1.02 -6.95 11.52
C SER B 116 -0.75 -8.17 10.66
N TRP B 117 -0.64 -9.36 11.24
CA TRP B 117 -0.31 -10.56 10.50
C TRP B 117 -1.58 -11.15 9.92
N VAL B 118 -1.73 -11.06 8.60
CA VAL B 118 -2.92 -11.51 7.91
C VAL B 118 -2.51 -12.39 6.74
N MET B 119 -3.18 -13.54 6.62
CA MET B 119 -2.91 -14.46 5.53
C MET B 119 -4.09 -14.66 4.59
N THR B 120 -5.25 -14.11 4.90
CA THR B 120 -6.42 -14.31 4.04
C THR B 120 -7.43 -13.20 4.24
N CYS B 121 -8.35 -13.10 3.28
CA CYS B 121 -9.45 -12.17 3.34
C CYS B 121 -10.60 -12.72 2.52
N ALA B 122 -11.79 -12.14 2.71
CA ALA B 122 -12.97 -12.64 2.02
C ALA B 122 -13.98 -11.51 1.88
N TYR B 123 -14.95 -11.72 1.00
CA TYR B 123 -16.01 -10.75 0.75
C TYR B 123 -17.33 -11.50 0.70
N ALA B 124 -18.25 -11.17 1.60
CA ALA B 124 -19.51 -11.87 1.66
C ALA B 124 -20.33 -11.58 0.41
N PRO B 125 -21.15 -12.53 -0.03
CA PRO B 125 -21.95 -12.31 -1.24
C PRO B 125 -22.89 -11.13 -1.15
N SER B 126 -23.46 -10.86 0.01
CA SER B 126 -24.40 -9.76 0.13
C SER B 126 -23.72 -8.39 0.11
N GLY B 127 -22.41 -8.34 0.31
CA GLY B 127 -21.70 -7.08 0.39
C GLY B 127 -21.67 -6.46 1.76
N ASN B 128 -22.40 -7.02 2.73
CA ASN B 128 -22.48 -6.42 4.05
C ASN B 128 -21.20 -6.64 4.86
N TYR B 129 -20.62 -7.84 4.78
CA TYR B 129 -19.56 -8.23 5.70
C TYR B 129 -18.27 -8.51 4.94
N VAL B 130 -17.15 -8.42 5.67
CA VAL B 130 -15.82 -8.74 5.17
C VAL B 130 -15.08 -9.54 6.23
N ALA B 131 -14.49 -10.65 5.84
CA ALA B 131 -13.73 -11.49 6.75
C ALA B 131 -12.24 -11.28 6.55
N CYS B 132 -11.47 -11.54 7.61
CA CYS B 132 -10.03 -11.33 7.57
C CYS B 132 -9.39 -12.05 8.75
N GLY B 133 -8.41 -12.90 8.46
CA GLY B 133 -7.72 -13.65 9.50
C GLY B 133 -6.28 -13.88 9.14
N GLY B 134 -5.51 -14.28 10.14
CA GLY B 134 -4.08 -14.49 9.95
C GLY B 134 -3.47 -15.29 11.09
N LEU B 135 -2.22 -14.95 11.41
CA LEU B 135 -1.47 -15.70 12.41
C LEU B 135 -2.09 -15.62 13.79
N ASP B 136 -2.96 -14.64 14.04
CA ASP B 136 -3.66 -14.57 15.30
C ASP B 136 -4.69 -15.69 15.45
N ASN B 137 -4.91 -16.45 14.38
CA ASN B 137 -5.93 -17.50 14.28
C ASN B 137 -7.24 -17.13 14.97
N ILE B 138 -7.67 -15.89 14.71
CA ILE B 138 -9.02 -15.45 15.01
C ILE B 138 -9.61 -14.92 13.71
N CYS B 139 -10.73 -15.50 13.29
CA CYS B 139 -11.42 -15.04 12.09
C CYS B 139 -12.33 -13.89 12.49
N SER B 140 -11.93 -12.67 12.16
CA SER B 140 -12.69 -11.48 12.54
C SER B 140 -13.61 -11.09 11.40
N ILE B 141 -14.91 -11.06 11.67
CA ILE B 141 -15.91 -10.66 10.70
C ILE B 141 -16.16 -9.17 10.87
N TYR B 142 -15.97 -8.40 9.81
CA TYR B 142 -16.06 -6.95 9.86
C TYR B 142 -17.36 -6.50 9.21
N ASN B 143 -18.07 -5.59 9.88
CA ASN B 143 -19.37 -5.12 9.44
C ASN B 143 -19.22 -3.76 8.77
N LEU B 144 -19.72 -3.66 7.54
CA LEU B 144 -19.50 -2.46 6.73
C LEU B 144 -20.66 -1.47 6.86
N LYS B 145 -21.89 -1.92 6.66
CA LYS B 145 -23.04 -1.04 6.63
C LYS B 145 -23.63 -0.95 8.03
N THR B 146 -23.49 0.23 8.65
CA THR B 146 -23.98 0.47 9.99
C THR B 146 -24.55 1.88 10.06
N ARG B 147 -25.32 2.15 11.11
CA ARG B 147 -25.92 3.47 11.28
C ARG B 147 -24.83 4.53 11.35
N GLU B 148 -23.86 4.35 12.24
CA GLU B 148 -22.67 5.17 12.21
C GLU B 148 -21.78 4.74 11.05
N GLY B 149 -20.92 5.63 10.60
CA GLY B 149 -20.27 5.46 9.32
C GLY B 149 -18.90 4.82 9.31
N ASN B 150 -18.53 4.12 10.38
CA ASN B 150 -17.23 3.48 10.45
C ASN B 150 -17.41 1.96 10.47
N VAL B 151 -16.40 1.26 9.96
CA VAL B 151 -16.43 -0.20 9.92
C VAL B 151 -16.15 -0.73 11.32
N ARG B 152 -17.01 -1.64 11.78
CA ARG B 152 -16.88 -2.25 13.08
C ARG B 152 -16.72 -3.76 12.93
N VAL B 153 -16.11 -4.37 13.94
CA VAL B 153 -15.94 -5.82 13.96
C VAL B 153 -17.11 -6.44 14.71
N SER B 154 -17.75 -7.43 14.10
CA SER B 154 -18.97 -7.98 14.67
C SER B 154 -18.69 -9.11 15.64
N ARG B 155 -18.09 -10.21 15.15
CA ARG B 155 -17.74 -11.34 15.99
C ARG B 155 -16.28 -11.70 15.77
N GLU B 156 -15.70 -12.36 16.76
CA GLU B 156 -14.33 -12.86 16.70
C GLU B 156 -14.39 -14.37 16.86
N LEU B 157 -14.34 -15.12 15.76
CA LEU B 157 -14.45 -16.59 15.83
C LEU B 157 -13.18 -17.26 16.33
N ALA B 158 -13.27 -17.99 17.45
CA ALA B 158 -12.08 -18.63 18.03
C ALA B 158 -12.28 -20.09 18.46
N GLY B 159 -11.19 -20.84 18.61
CA GLY B 159 -11.27 -22.25 18.98
C GLY B 159 -10.27 -22.96 18.07
N HIS B 160 -9.69 -22.23 17.11
CA HIS B 160 -8.68 -22.81 16.20
C HIS B 160 -7.31 -22.82 16.88
N THR B 161 -6.50 -23.84 16.64
CA THR B 161 -5.23 -23.96 17.35
C THR B 161 -4.05 -23.79 16.42
N GLY B 162 -4.23 -23.07 15.31
CA GLY B 162 -3.18 -22.94 14.33
C GLY B 162 -3.07 -21.53 13.77
N TYR B 163 -3.11 -21.42 12.45
CA TYR B 163 -3.11 -20.14 11.77
C TYR B 163 -4.04 -20.24 10.58
N LEU B 164 -4.91 -19.24 10.40
CA LEU B 164 -5.87 -19.30 9.32
C LEU B 164 -5.19 -19.14 7.98
N SER B 165 -5.70 -19.84 6.98
CA SER B 165 -5.18 -19.80 5.63
C SER B 165 -6.17 -19.27 4.61
N CYS B 166 -7.46 -19.60 4.75
CA CYS B 166 -8.45 -19.11 3.81
C CYS B 166 -9.81 -19.07 4.49
N CYS B 167 -10.64 -18.13 4.04
CA CYS B 167 -11.97 -17.94 4.58
C CYS B 167 -12.93 -17.68 3.43
N ARG B 168 -14.14 -18.25 3.51
CA ARG B 168 -15.13 -18.07 2.48
C ARG B 168 -16.51 -18.03 3.10
N PHE B 169 -17.37 -17.18 2.57
CA PHE B 169 -18.71 -16.99 3.09
C PHE B 169 -19.69 -17.86 2.32
N LEU B 170 -20.52 -18.61 3.05
CA LEU B 170 -21.62 -19.30 2.41
C LEU B 170 -22.80 -18.36 2.22
N ASP B 171 -23.17 -17.65 3.29
CA ASP B 171 -24.10 -16.54 3.23
C ASP B 171 -23.70 -15.58 4.35
N ASP B 172 -24.60 -14.66 4.69
CA ASP B 172 -24.28 -13.69 5.74
C ASP B 172 -24.20 -14.31 7.12
N ASN B 173 -24.60 -15.56 7.28
CA ASN B 173 -24.67 -16.16 8.60
C ASN B 173 -23.70 -17.32 8.78
N GLN B 174 -23.06 -17.80 7.72
CA GLN B 174 -22.22 -18.98 7.81
C GLN B 174 -20.89 -18.73 7.10
N ILE B 175 -19.80 -19.20 7.72
CA ILE B 175 -18.46 -19.07 7.17
C ILE B 175 -17.73 -20.38 7.38
N VAL B 176 -16.71 -20.62 6.56
CA VAL B 176 -15.88 -21.81 6.66
C VAL B 176 -14.41 -21.38 6.65
N THR B 177 -13.63 -21.92 7.58
CA THR B 177 -12.24 -21.57 7.73
C THR B 177 -11.36 -22.78 7.46
N SER B 178 -10.05 -22.53 7.41
CA SER B 178 -9.08 -23.59 7.18
C SER B 178 -7.75 -23.15 7.78
N SER B 179 -7.31 -23.88 8.80
CA SER B 179 -6.17 -23.47 9.61
C SER B 179 -5.02 -24.46 9.45
N GLY B 180 -3.91 -24.14 10.12
CA GLY B 180 -2.77 -25.04 10.16
C GLY B 180 -2.88 -26.16 11.15
N ASP B 181 -4.00 -26.23 11.88
CA ASP B 181 -4.24 -27.31 12.82
C ASP B 181 -4.78 -28.55 12.13
N THR B 182 -4.58 -28.65 10.81
CA THR B 182 -5.01 -29.78 10.02
C THR B 182 -6.52 -29.97 10.04
N THR B 183 -7.26 -28.87 10.21
CA THR B 183 -8.72 -28.95 10.27
C THR B 183 -9.33 -27.79 9.49
N CYS B 184 -10.54 -28.01 9.00
CA CYS B 184 -11.41 -26.97 8.45
C CYS B 184 -12.74 -27.04 9.18
N ALA B 185 -13.34 -25.88 9.45
CA ALA B 185 -14.53 -25.84 10.28
C ALA B 185 -15.59 -24.92 9.67
N LEU B 186 -16.85 -25.29 9.88
CA LEU B 186 -17.98 -24.47 9.48
C LEU B 186 -18.51 -23.75 10.71
N TRP B 187 -18.49 -22.42 10.68
CA TRP B 187 -18.86 -21.63 11.83
C TRP B 187 -20.32 -21.20 11.76
N ASP B 188 -20.72 -20.34 12.69
CA ASP B 188 -22.06 -19.76 12.71
C ASP B 188 -21.89 -18.36 13.30
N ILE B 189 -21.98 -17.34 12.44
CA ILE B 189 -21.60 -15.99 12.85
C ILE B 189 -22.44 -15.51 14.02
N GLU B 190 -23.72 -15.89 14.06
CA GLU B 190 -24.59 -15.42 15.14
C GLU B 190 -24.08 -15.89 16.49
N THR B 191 -24.07 -17.20 16.71
CA THR B 191 -23.69 -17.73 18.01
C THR B 191 -22.18 -17.85 18.19
N GLY B 192 -21.42 -17.74 17.12
CA GLY B 192 -19.96 -17.82 17.24
C GLY B 192 -19.45 -19.14 17.74
N GLN B 193 -20.14 -20.23 17.44
CA GLN B 193 -19.74 -21.56 17.87
C GLN B 193 -19.55 -22.45 16.67
N GLN B 194 -18.44 -23.19 16.66
CA GLN B 194 -18.22 -24.19 15.63
C GLN B 194 -19.39 -25.15 15.59
N THR B 195 -19.93 -25.39 14.41
CA THR B 195 -21.07 -26.28 14.27
C THR B 195 -20.75 -27.56 13.53
N THR B 196 -19.58 -27.66 12.89
CA THR B 196 -19.16 -28.89 12.24
C THR B 196 -17.67 -28.80 11.97
N THR B 197 -16.91 -29.79 12.43
CA THR B 197 -15.48 -29.81 12.26
C THR B 197 -15.09 -30.91 11.28
N PHE B 198 -14.32 -30.55 10.27
CA PHE B 198 -13.86 -31.49 9.25
C PHE B 198 -12.42 -31.85 9.58
N THR B 199 -12.21 -33.08 10.07
CA THR B 199 -10.96 -33.44 10.73
C THR B 199 -10.25 -34.61 10.04
N GLY B 200 -10.65 -34.95 8.83
CA GLY B 200 -10.09 -36.14 8.22
C GLY B 200 -8.77 -35.96 7.53
N HIS B 201 -8.16 -34.78 7.59
CA HIS B 201 -6.98 -34.52 6.80
C HIS B 201 -5.75 -34.70 7.69
N THR B 202 -4.55 -34.55 7.12
CA THR B 202 -3.33 -34.85 7.87
C THR B 202 -2.18 -33.86 7.70
N GLY B 203 -2.38 -32.73 7.04
CA GLY B 203 -1.34 -31.73 6.94
C GLY B 203 -1.90 -30.34 7.15
N ASP B 204 -1.10 -29.30 6.91
CA ASP B 204 -1.56 -27.93 7.09
C ASP B 204 -2.42 -27.52 5.92
N VAL B 205 -3.70 -27.24 6.18
CA VAL B 205 -4.60 -26.81 5.12
C VAL B 205 -4.26 -25.39 4.70
N MET B 206 -4.31 -25.12 3.40
CA MET B 206 -3.92 -23.80 2.92
C MET B 206 -4.82 -23.23 1.83
N SER B 207 -5.99 -23.82 1.55
CA SER B 207 -6.87 -23.22 0.56
C SER B 207 -8.26 -23.82 0.67
N LEU B 208 -9.26 -23.00 0.36
CA LEU B 208 -10.64 -23.41 0.28
C LEU B 208 -11.25 -22.85 -1.01
N SER B 209 -12.30 -23.52 -1.47
CA SER B 209 -13.04 -23.02 -2.63
C SER B 209 -14.45 -23.58 -2.56
N LEU B 210 -15.42 -22.74 -2.23
CA LEU B 210 -16.80 -23.16 -2.17
C LEU B 210 -17.34 -23.44 -3.56
N ALA B 211 -18.14 -24.49 -3.68
CA ALA B 211 -18.81 -24.76 -4.93
C ALA B 211 -19.87 -23.69 -5.18
N PRO B 212 -20.20 -23.42 -6.45
CA PRO B 212 -21.21 -22.40 -6.74
C PRO B 212 -22.57 -22.68 -6.11
N ASP B 213 -22.96 -23.95 -5.99
CA ASP B 213 -24.23 -24.25 -5.34
C ASP B 213 -24.12 -24.25 -3.81
N THR B 214 -22.92 -24.08 -3.28
CA THR B 214 -22.70 -23.86 -1.84
C THR B 214 -23.22 -25.01 -1.00
N ARG B 215 -22.91 -26.23 -1.41
CA ARG B 215 -23.28 -27.40 -0.64
C ARG B 215 -22.10 -28.35 -0.38
N LEU B 216 -20.92 -28.05 -0.88
CA LEU B 216 -19.77 -28.92 -0.75
C LEU B 216 -18.53 -28.18 -1.21
N PHE B 217 -17.45 -28.30 -0.45
CA PHE B 217 -16.24 -27.51 -0.72
C PHE B 217 -15.01 -28.39 -0.60
N VAL B 218 -13.94 -27.95 -1.26
CA VAL B 218 -12.68 -28.66 -1.28
C VAL B 218 -11.68 -27.95 -0.38
N SER B 219 -10.53 -28.60 -0.14
CA SER B 219 -9.46 -28.03 0.65
C SER B 219 -8.18 -28.76 0.27
N GLY B 220 -7.22 -28.03 -0.28
CA GLY B 220 -5.94 -28.58 -0.67
C GLY B 220 -4.86 -28.12 0.30
N ALA B 221 -4.07 -29.08 0.78
CA ALA B 221 -3.20 -28.81 1.90
C ALA B 221 -1.78 -29.36 1.65
N CYS B 222 -0.97 -29.28 2.71
CA CYS B 222 0.44 -29.62 2.64
C CYS B 222 0.68 -31.12 2.54
N ASP B 223 -0.34 -31.95 2.73
CA ASP B 223 -0.19 -33.39 2.67
C ASP B 223 -0.17 -33.90 1.23
N ALA B 224 0.01 -33.02 0.26
CA ALA B 224 0.01 -33.39 -1.16
C ALA B 224 -1.29 -34.07 -1.54
N SER B 225 -2.38 -33.66 -0.90
CA SER B 225 -3.66 -34.31 -1.11
C SER B 225 -4.76 -33.28 -1.03
N ALA B 226 -5.77 -33.43 -1.90
CA ALA B 226 -6.92 -32.56 -1.92
C ALA B 226 -8.16 -33.35 -1.52
N LYS B 227 -9.01 -32.75 -0.71
CA LYS B 227 -10.19 -33.40 -0.19
C LYS B 227 -11.43 -32.56 -0.48
N LEU B 228 -12.51 -33.22 -0.88
CA LEU B 228 -13.80 -32.57 -1.09
C LEU B 228 -14.78 -33.08 -0.04
N TRP B 229 -15.41 -32.16 0.67
CA TRP B 229 -16.24 -32.47 1.81
C TRP B 229 -17.72 -32.36 1.46
N ASP B 230 -18.56 -32.48 2.48
CA ASP B 230 -20.01 -32.41 2.33
C ASP B 230 -20.54 -31.65 3.53
N VAL B 231 -20.95 -30.41 3.32
CA VAL B 231 -21.20 -29.48 4.42
C VAL B 231 -22.42 -29.90 5.23
N ARG B 232 -23.08 -30.98 4.82
CA ARG B 232 -24.20 -31.51 5.58
C ARG B 232 -23.79 -32.68 6.46
N GLU B 233 -23.25 -33.74 5.86
CA GLU B 233 -22.81 -34.88 6.65
C GLU B 233 -21.58 -34.56 7.47
N GLY B 234 -20.84 -33.52 7.12
CA GLY B 234 -19.66 -33.14 7.87
C GLY B 234 -18.56 -34.17 7.83
N MET B 235 -18.34 -34.81 6.69
CA MET B 235 -17.30 -35.82 6.58
C MET B 235 -16.95 -36.04 5.12
N CYS B 236 -15.65 -36.13 4.84
CA CYS B 236 -15.15 -36.16 3.48
C CYS B 236 -15.77 -37.29 2.68
N ARG B 237 -16.09 -37.00 1.41
CA ARG B 237 -16.65 -38.02 0.54
C ARG B 237 -15.64 -38.59 -0.45
N GLN B 238 -14.58 -37.86 -0.77
CA GLN B 238 -13.54 -38.44 -1.61
C GLN B 238 -12.28 -37.59 -1.53
N THR B 239 -11.14 -38.27 -1.60
CA THR B 239 -9.82 -37.65 -1.49
C THR B 239 -9.07 -37.82 -2.80
N PHE B 240 -8.10 -36.95 -3.03
CA PHE B 240 -7.31 -36.96 -4.24
C PHE B 240 -5.83 -36.90 -3.89
N THR B 241 -5.04 -37.78 -4.50
CA THR B 241 -3.60 -37.85 -4.23
C THR B 241 -2.89 -37.96 -5.58
N GLY B 242 -2.36 -36.84 -6.06
CA GLY B 242 -1.68 -36.87 -7.33
C GLY B 242 -0.48 -35.95 -7.43
N HIS B 243 -0.09 -35.34 -6.31
CA HIS B 243 0.97 -34.35 -6.32
C HIS B 243 2.20 -34.86 -5.57
N GLU B 244 3.35 -34.35 -5.97
CA GLU B 244 4.62 -34.74 -5.36
C GLU B 244 5.00 -33.86 -4.18
N SER B 245 4.22 -32.83 -3.87
CA SER B 245 4.54 -31.92 -2.79
C SER B 245 3.27 -31.21 -2.36
N ASP B 246 3.43 -30.20 -1.52
CA ASP B 246 2.31 -29.53 -0.88
C ASP B 246 1.48 -28.72 -1.89
N ILE B 247 0.23 -28.46 -1.51
CA ILE B 247 -0.75 -27.77 -2.35
C ILE B 247 -0.99 -26.39 -1.78
N ASN B 248 -1.01 -25.38 -2.65
CA ASN B 248 -1.11 -23.99 -2.21
C ASN B 248 -2.37 -23.26 -2.62
N ALA B 249 -3.11 -23.74 -3.61
CA ALA B 249 -4.30 -23.03 -4.05
C ALA B 249 -5.26 -23.97 -4.74
N ILE B 250 -6.55 -23.78 -4.49
CA ILE B 250 -7.60 -24.56 -5.12
C ILE B 250 -8.67 -23.59 -5.62
N CYS B 251 -9.41 -23.99 -6.65
CA CYS B 251 -10.58 -23.24 -7.08
C CYS B 251 -11.51 -24.16 -7.83
N PHE B 252 -12.80 -24.07 -7.51
CA PHE B 252 -13.79 -24.85 -8.24
C PHE B 252 -13.93 -24.37 -9.68
N PHE B 253 -14.11 -25.33 -10.57
CA PHE B 253 -14.46 -25.04 -11.95
C PHE B 253 -15.88 -24.50 -11.97
N PRO B 254 -16.17 -23.53 -12.84
CA PRO B 254 -17.43 -22.78 -12.70
C PRO B 254 -18.69 -23.63 -12.69
N ASN B 255 -18.74 -24.71 -13.48
CA ASN B 255 -19.97 -25.49 -13.53
C ASN B 255 -20.23 -26.21 -12.21
N GLY B 256 -19.18 -26.57 -11.49
CA GLY B 256 -19.32 -27.28 -10.24
C GLY B 256 -19.02 -28.76 -10.29
N ASN B 257 -18.25 -29.23 -11.27
CA ASN B 257 -17.93 -30.63 -11.40
C ASN B 257 -16.43 -30.84 -11.63
N ALA B 258 -15.61 -29.93 -11.14
CA ALA B 258 -14.16 -30.01 -11.33
C ALA B 258 -13.51 -28.98 -10.42
N PHE B 259 -12.21 -29.17 -10.18
CA PHE B 259 -11.45 -28.20 -9.42
C PHE B 259 -9.98 -28.31 -9.79
N ALA B 260 -9.34 -27.17 -9.95
CA ALA B 260 -7.92 -27.09 -10.28
C ALA B 260 -7.11 -26.89 -9.02
N THR B 261 -5.83 -27.29 -9.08
CA THR B 261 -4.96 -27.23 -7.91
C THR B 261 -3.60 -26.67 -8.29
N GLY B 262 -2.93 -26.10 -7.32
CA GLY B 262 -1.58 -25.62 -7.50
C GLY B 262 -0.68 -26.14 -6.39
N SER B 263 0.58 -26.36 -6.74
CA SER B 263 1.52 -26.99 -5.82
C SER B 263 2.86 -26.28 -5.89
N ASP B 264 3.76 -26.67 -4.97
CA ASP B 264 5.11 -26.11 -5.01
C ASP B 264 5.94 -26.68 -6.14
N ASP B 265 5.53 -27.80 -6.72
CA ASP B 265 6.32 -28.43 -7.78
C ASP B 265 5.91 -27.94 -9.18
N ALA B 266 5.78 -26.62 -9.32
CA ALA B 266 5.58 -25.96 -10.61
C ALA B 266 4.56 -26.66 -11.50
N THR B 267 3.48 -27.17 -10.93
CA THR B 267 2.52 -27.93 -11.71
C THR B 267 1.11 -27.64 -11.21
N CYS B 268 0.19 -27.45 -12.14
CA CYS B 268 -1.23 -27.33 -11.83
C CYS B 268 -1.98 -28.54 -12.39
N ARG B 269 -2.98 -29.00 -11.66
CA ARG B 269 -3.73 -30.18 -12.07
C ARG B 269 -5.22 -29.90 -11.97
N LEU B 270 -5.99 -30.54 -12.84
CA LEU B 270 -7.44 -30.36 -12.93
C LEU B 270 -8.10 -31.71 -12.82
N PHE B 271 -8.93 -31.88 -11.79
CA PHE B 271 -9.66 -33.12 -11.58
C PHE B 271 -11.10 -32.96 -12.05
N ASP B 272 -11.86 -34.05 -11.96
CA ASP B 272 -13.31 -34.01 -12.05
C ASP B 272 -13.88 -34.90 -10.95
N LEU B 273 -15.10 -34.58 -10.50
CA LEU B 273 -15.60 -35.25 -9.32
C LEU B 273 -16.44 -36.46 -9.67
N ARG B 274 -17.34 -36.33 -10.63
CA ARG B 274 -18.22 -37.44 -10.98
C ARG B 274 -17.43 -38.65 -11.46
N ALA B 275 -16.21 -38.43 -11.97
CA ALA B 275 -15.36 -39.52 -12.40
C ALA B 275 -14.27 -39.85 -11.39
N ASP B 276 -13.92 -38.92 -10.50
CA ASP B 276 -12.93 -39.16 -9.45
C ASP B 276 -11.56 -39.54 -10.02
N GLN B 277 -11.13 -38.79 -11.04
CA GLN B 277 -9.83 -39.02 -11.67
C GLN B 277 -9.16 -37.67 -11.90
N GLU B 278 -8.06 -37.70 -12.64
CA GLU B 278 -7.38 -36.50 -13.11
C GLU B 278 -7.59 -36.36 -14.60
N LEU B 279 -7.50 -35.12 -15.09
CA LEU B 279 -7.78 -34.85 -16.50
C LEU B 279 -6.55 -34.36 -17.27
N MET B 280 -5.91 -33.30 -16.81
CA MET B 280 -4.74 -32.78 -17.51
C MET B 280 -3.77 -32.22 -16.48
N THR B 281 -2.50 -32.15 -16.88
CA THR B 281 -1.46 -31.57 -16.05
C THR B 281 -0.76 -30.48 -16.84
N TYR B 282 -0.59 -29.32 -16.23
CA TYR B 282 0.00 -28.16 -16.89
C TYR B 282 1.41 -27.98 -16.36
N SER B 283 2.40 -28.15 -17.24
CA SER B 283 3.79 -28.05 -16.83
C SER B 283 4.61 -27.58 -18.03
N HIS B 284 5.78 -27.04 -17.73
CA HIS B 284 6.70 -26.58 -18.75
C HIS B 284 8.10 -26.58 -18.15
N ASP B 285 9.07 -27.01 -18.95
CA ASP B 285 10.43 -27.14 -18.44
C ASP B 285 11.07 -25.80 -18.10
N ASN B 286 10.46 -24.68 -18.50
CA ASN B 286 11.02 -23.37 -18.23
C ASN B 286 10.56 -22.78 -16.91
N ILE B 287 9.72 -23.46 -16.15
CA ILE B 287 9.25 -22.98 -14.85
C ILE B 287 9.66 -23.98 -13.78
N ILE B 288 10.29 -23.50 -12.73
CA ILE B 288 10.73 -24.34 -11.61
C ILE B 288 10.27 -23.69 -10.33
N CYS B 289 9.39 -22.70 -10.43
CA CYS B 289 8.91 -21.93 -9.31
C CYS B 289 7.70 -22.63 -8.69
N GLY B 290 6.99 -21.93 -7.81
CA GLY B 290 5.79 -22.49 -7.20
C GLY B 290 4.51 -21.74 -7.55
N ILE B 291 3.38 -22.40 -7.40
CA ILE B 291 2.08 -21.79 -7.63
C ILE B 291 1.56 -21.21 -6.32
N THR B 292 1.00 -20.00 -6.39
CA THR B 292 0.47 -19.34 -5.20
C THR B 292 -1.04 -19.15 -5.24
N SER B 293 -1.63 -18.88 -6.40
CA SER B 293 -3.08 -18.76 -6.48
C SER B 293 -3.54 -19.25 -7.84
N VAL B 294 -4.74 -19.82 -7.86
CA VAL B 294 -5.32 -20.36 -9.10
C VAL B 294 -6.79 -19.95 -9.15
N SER B 295 -7.21 -19.42 -10.30
CA SER B 295 -8.61 -19.08 -10.52
C SER B 295 -8.95 -19.32 -11.97
N PHE B 296 -10.23 -19.52 -12.24
CA PHE B 296 -10.71 -19.83 -13.57
C PHE B 296 -11.28 -18.58 -14.24
N SER B 297 -11.70 -18.75 -15.48
CA SER B 297 -12.46 -17.71 -16.17
C SER B 297 -13.94 -18.05 -16.12
N LYS B 298 -14.77 -17.16 -16.68
CA LYS B 298 -16.21 -17.38 -16.62
C LYS B 298 -16.61 -18.64 -17.39
N SER B 299 -16.02 -18.86 -18.55
CA SER B 299 -16.38 -20.00 -19.37
C SER B 299 -15.61 -21.27 -19.02
N GLY B 300 -14.55 -21.17 -18.23
CA GLY B 300 -13.76 -22.32 -17.89
C GLY B 300 -12.73 -22.72 -18.92
N ARG B 301 -12.66 -22.01 -20.05
CA ARG B 301 -11.65 -22.32 -21.05
C ARG B 301 -10.27 -21.82 -20.65
N LEU B 302 -10.19 -20.85 -19.75
CA LEU B 302 -8.93 -20.28 -19.33
C LEU B 302 -8.69 -20.57 -17.86
N LEU B 303 -7.45 -20.94 -17.52
CA LEU B 303 -7.07 -21.27 -16.16
C LEU B 303 -5.91 -20.38 -15.75
N LEU B 304 -6.22 -19.30 -15.04
CA LEU B 304 -5.19 -18.42 -14.52
C LEU B 304 -4.46 -19.09 -13.36
N ALA B 305 -3.20 -18.71 -13.18
CA ALA B 305 -2.39 -19.29 -12.11
C ALA B 305 -1.22 -18.36 -11.82
N GLY B 306 -1.13 -17.88 -10.59
CA GLY B 306 -0.10 -16.91 -10.25
C GLY B 306 1.16 -17.52 -9.69
N TYR B 307 2.19 -17.64 -10.53
CA TYR B 307 3.44 -18.23 -10.10
C TYR B 307 4.18 -17.27 -9.19
N ASP B 308 5.22 -17.79 -8.53
CA ASP B 308 6.08 -16.97 -7.69
C ASP B 308 7.44 -16.72 -8.33
N ASP B 309 7.53 -16.86 -9.66
CA ASP B 309 8.67 -16.39 -10.42
C ASP B 309 8.42 -15.02 -11.03
N PHE B 310 7.67 -14.18 -10.32
CA PHE B 310 7.44 -12.76 -10.56
C PHE B 310 6.38 -12.48 -11.61
N ASN B 311 5.63 -13.48 -12.09
CA ASN B 311 4.59 -13.18 -13.06
C ASN B 311 3.54 -14.28 -13.06
N CYS B 312 2.37 -13.95 -13.60
CA CYS B 312 1.27 -14.89 -13.74
C CYS B 312 1.27 -15.52 -15.13
N ASN B 313 0.58 -16.65 -15.25
CA ASN B 313 0.50 -17.37 -16.51
C ASN B 313 -0.96 -17.67 -16.83
N VAL B 314 -1.23 -17.86 -18.12
CA VAL B 314 -2.56 -18.19 -18.61
C VAL B 314 -2.48 -19.54 -19.30
N TRP B 315 -3.34 -20.47 -18.91
CA TRP B 315 -3.36 -21.82 -19.45
C TRP B 315 -4.68 -22.10 -20.13
N ASP B 316 -4.63 -22.82 -21.24
CA ASP B 316 -5.83 -23.34 -21.89
C ASP B 316 -6.19 -24.65 -21.20
N ALA B 317 -7.31 -24.65 -20.48
CA ALA B 317 -7.65 -25.78 -19.63
C ALA B 317 -7.99 -27.04 -20.40
N LEU B 318 -7.85 -27.04 -21.71
CA LEU B 318 -8.05 -28.25 -22.50
C LEU B 318 -6.86 -28.61 -23.37
N LYS B 319 -6.19 -27.62 -23.96
CA LYS B 319 -5.07 -27.89 -24.84
C LYS B 319 -3.76 -28.08 -24.10
N ALA B 320 -3.71 -27.75 -22.81
CA ALA B 320 -2.57 -27.94 -21.92
C ALA B 320 -1.36 -27.09 -22.28
N ASP B 321 -1.43 -26.28 -23.33
CA ASP B 321 -0.32 -25.43 -23.72
C ASP B 321 -0.49 -24.03 -23.11
N ARG B 322 0.64 -23.38 -22.86
CA ARG B 322 0.60 -22.02 -22.35
C ARG B 322 -0.04 -21.08 -23.37
N ALA B 323 -0.77 -20.10 -22.88
CA ALA B 323 -1.52 -19.19 -23.74
C ALA B 323 -1.07 -17.75 -23.64
N GLY B 324 -0.82 -17.25 -22.43
CA GLY B 324 -0.43 -15.87 -22.27
C GLY B 324 0.37 -15.66 -21.00
N VAL B 325 0.96 -14.47 -20.90
CA VAL B 325 1.80 -14.11 -19.77
C VAL B 325 1.36 -12.73 -19.27
N LEU B 326 1.18 -12.61 -17.96
CA LEU B 326 0.84 -11.35 -17.32
C LEU B 326 2.04 -10.96 -16.45
N ALA B 327 3.01 -10.29 -17.06
CA ALA B 327 4.24 -9.90 -16.37
C ALA B 327 4.20 -8.39 -16.17
N GLY B 328 3.90 -7.96 -14.95
CA GLY B 328 3.92 -6.54 -14.65
C GLY B 328 4.37 -6.21 -13.24
N HIS B 329 4.84 -7.20 -12.49
CA HIS B 329 5.15 -7.02 -11.08
C HIS B 329 6.65 -7.10 -10.85
N ASP B 330 7.05 -6.64 -9.67
CA ASP B 330 8.46 -6.62 -9.28
C ASP B 330 8.74 -7.52 -8.08
N ASN B 331 7.81 -8.40 -7.74
CA ASN B 331 8.03 -9.38 -6.68
C ASN B 331 7.03 -10.51 -6.88
N ARG B 332 6.94 -11.40 -5.91
CA ARG B 332 6.10 -12.58 -6.04
C ARG B 332 4.63 -12.19 -6.16
N VAL B 333 3.91 -12.87 -7.06
CA VAL B 333 2.47 -12.69 -7.17
C VAL B 333 1.81 -13.58 -6.13
N SER B 334 1.07 -12.97 -5.21
CA SER B 334 0.60 -13.66 -4.03
C SER B 334 -0.89 -13.99 -4.05
N CYS B 335 -1.66 -13.43 -4.98
CA CYS B 335 -3.09 -13.68 -4.99
C CYS B 335 -3.67 -13.17 -6.30
N LEU B 336 -4.72 -13.85 -6.77
CA LEU B 336 -5.44 -13.37 -7.94
C LEU B 336 -6.88 -13.85 -7.89
N GLY B 337 -7.74 -13.17 -8.64
CA GLY B 337 -9.16 -13.50 -8.68
C GLY B 337 -9.77 -13.01 -9.97
N VAL B 338 -10.92 -13.57 -10.29
CA VAL B 338 -11.64 -13.26 -11.52
C VAL B 338 -13.06 -12.88 -11.19
N THR B 339 -13.53 -11.77 -11.74
CA THR B 339 -14.83 -11.22 -11.39
C THR B 339 -15.95 -12.15 -11.82
N ASP B 340 -17.10 -11.99 -11.19
CA ASP B 340 -18.25 -12.83 -11.52
C ASP B 340 -18.71 -12.57 -12.95
N ASP B 341 -18.74 -11.32 -13.37
CA ASP B 341 -19.14 -11.02 -14.75
C ASP B 341 -18.10 -11.43 -15.77
N GLY B 342 -16.87 -11.74 -15.33
CA GLY B 342 -15.86 -12.24 -16.23
C GLY B 342 -15.17 -11.19 -17.07
N MET B 343 -15.31 -9.92 -16.72
CA MET B 343 -14.72 -8.86 -17.52
C MET B 343 -13.38 -8.37 -16.99
N ALA B 344 -12.85 -8.98 -15.93
CA ALA B 344 -11.59 -8.51 -15.38
C ALA B 344 -10.91 -9.60 -14.58
N VAL B 345 -9.61 -9.44 -14.40
CA VAL B 345 -8.80 -10.28 -13.51
C VAL B 345 -7.86 -9.36 -12.75
N ALA B 346 -7.64 -9.67 -11.47
CA ALA B 346 -6.85 -8.82 -10.61
C ALA B 346 -5.77 -9.65 -9.93
N THR B 347 -4.54 -9.15 -9.92
CA THR B 347 -3.41 -9.85 -9.34
C THR B 347 -2.74 -8.95 -8.32
N GLY B 348 -2.40 -9.53 -7.17
CA GLY B 348 -1.70 -8.83 -6.11
C GLY B 348 -0.31 -9.42 -5.96
N SER B 349 0.63 -8.59 -5.50
CA SER B 349 2.02 -9.01 -5.39
C SER B 349 2.65 -8.36 -4.19
N TRP B 350 3.77 -8.95 -3.74
CA TRP B 350 4.50 -8.41 -2.61
C TRP B 350 5.15 -7.07 -2.92
N ASP B 351 4.98 -6.54 -4.11
CA ASP B 351 5.45 -5.21 -4.45
C ASP B 351 4.56 -4.12 -3.90
N SER B 352 3.66 -4.46 -2.99
CA SER B 352 2.71 -3.53 -2.36
C SER B 352 1.72 -2.93 -3.35
N PHE B 353 1.64 -3.48 -4.55
CA PHE B 353 0.75 -2.98 -5.58
C PHE B 353 -0.35 -3.99 -5.86
N LEU B 354 -1.29 -3.59 -6.70
CA LEU B 354 -2.48 -4.39 -6.99
C LEU B 354 -2.96 -4.00 -8.37
N LYS B 355 -2.71 -4.83 -9.36
CA LYS B 355 -2.95 -4.50 -10.75
C LYS B 355 -4.21 -5.21 -11.24
N ILE B 356 -5.01 -4.50 -12.04
CA ILE B 356 -6.25 -5.03 -12.60
C ILE B 356 -6.11 -5.09 -14.11
N TRP B 357 -6.42 -6.23 -14.69
CA TRP B 357 -6.16 -6.50 -16.09
C TRP B 357 -7.46 -6.66 -16.85
N ASN B 358 -7.36 -6.63 -18.18
CA ASN B 358 -8.52 -6.72 -19.04
C ASN B 358 -8.14 -7.16 -20.44
N ILE C 5 -5.89 -45.76 17.27
CA ILE C 5 -6.55 -45.05 18.36
C ILE C 5 -7.96 -44.65 17.95
N ALA C 6 -8.57 -43.75 18.72
CA ALA C 6 -9.92 -43.31 18.42
C ALA C 6 -10.01 -42.63 17.06
N GLN C 7 -8.92 -42.05 16.56
CA GLN C 7 -8.94 -41.41 15.25
C GLN C 7 -9.00 -42.45 14.14
N ALA C 8 -8.53 -43.67 14.41
CA ALA C 8 -8.59 -44.73 13.40
C ALA C 8 -10.02 -45.06 13.05
N ARG C 9 -10.94 -44.97 14.02
CA ARG C 9 -12.34 -45.21 13.72
C ARG C 9 -12.89 -44.18 12.74
N LYS C 10 -12.57 -42.90 12.95
CA LYS C 10 -13.02 -41.86 12.03
C LYS C 10 -12.41 -42.08 10.65
N LEU C 11 -11.13 -42.43 10.61
CA LEU C 11 -10.49 -42.70 9.31
C LEU C 11 -11.16 -43.87 8.60
N VAL C 12 -11.47 -44.93 9.34
CA VAL C 12 -12.09 -46.11 8.73
C VAL C 12 -13.46 -45.77 8.17
N GLU C 13 -14.27 -45.07 8.96
CA GLU C 13 -15.60 -44.69 8.49
C GLU C 13 -15.54 -43.77 7.28
N GLN C 14 -14.61 -42.80 7.29
CA GLN C 14 -14.46 -41.93 6.14
C GLN C 14 -14.06 -42.71 4.90
N LEU C 15 -13.15 -43.68 5.06
CA LEU C 15 -12.79 -44.53 3.94
C LEU C 15 -13.98 -45.34 3.45
N LYS C 16 -14.80 -45.86 4.37
CA LYS C 16 -15.98 -46.62 3.97
C LYS C 16 -16.90 -45.77 3.11
N MET C 17 -17.20 -44.56 3.57
CA MET C 17 -18.10 -43.72 2.77
C MET C 17 -17.46 -43.35 1.44
N GLU C 18 -16.16 -43.04 1.43
CA GLU C 18 -15.50 -42.78 0.17
C GLU C 18 -15.48 -43.99 -0.74
N ALA C 19 -15.70 -45.19 -0.20
CA ALA C 19 -15.80 -46.40 -0.99
C ALA C 19 -17.19 -46.62 -1.56
N ASN C 20 -18.08 -45.65 -1.43
CA ASN C 20 -19.46 -45.82 -1.87
C ASN C 20 -19.98 -44.69 -2.75
N ILE C 21 -19.15 -43.71 -3.08
CA ILE C 21 -19.58 -42.66 -4.00
C ILE C 21 -19.95 -43.29 -5.34
N ASP C 22 -21.08 -42.88 -5.89
CA ASP C 22 -21.56 -43.45 -7.15
C ASP C 22 -20.78 -42.81 -8.29
N ARG C 23 -19.56 -43.30 -8.46
CA ARG C 23 -18.68 -42.78 -9.51
C ARG C 23 -19.31 -43.00 -10.88
N ILE C 24 -18.95 -42.13 -11.82
CA ILE C 24 -19.54 -42.15 -13.16
C ILE C 24 -18.43 -42.41 -14.16
N LYS C 25 -18.75 -43.18 -15.20
CA LYS C 25 -17.77 -43.49 -16.23
C LYS C 25 -17.22 -42.20 -16.84
N VAL C 26 -15.90 -42.18 -17.03
CA VAL C 26 -15.24 -40.94 -17.43
C VAL C 26 -15.70 -40.45 -18.79
N SER C 27 -16.21 -41.34 -19.64
CA SER C 27 -16.65 -40.92 -20.97
C SER C 27 -17.73 -39.85 -20.86
N LYS C 28 -18.78 -40.14 -20.10
CA LYS C 28 -19.86 -39.18 -19.95
C LYS C 28 -19.38 -37.89 -19.32
N ALA C 29 -18.53 -37.99 -18.29
CA ALA C 29 -18.07 -36.79 -17.59
C ALA C 29 -17.27 -35.90 -18.53
N ALA C 30 -16.29 -36.47 -19.23
CA ALA C 30 -15.47 -35.68 -20.13
C ALA C 30 -16.31 -35.09 -21.25
N ALA C 31 -17.22 -35.88 -21.83
CA ALA C 31 -18.06 -35.37 -22.90
C ALA C 31 -18.90 -34.20 -22.42
N ASP C 32 -19.51 -34.33 -21.23
CA ASP C 32 -20.36 -33.27 -20.72
C ASP C 32 -19.56 -32.01 -20.42
N LEU C 33 -18.37 -32.16 -19.84
CA LEU C 33 -17.57 -30.97 -19.51
C LEU C 33 -17.11 -30.28 -20.78
N MET C 34 -16.70 -31.05 -21.79
CA MET C 34 -16.37 -30.45 -23.09
C MET C 34 -17.57 -29.71 -23.66
N ALA C 35 -18.76 -30.31 -23.55
CA ALA C 35 -19.95 -29.66 -24.08
C ALA C 35 -20.21 -28.34 -23.38
N TYR C 36 -20.09 -28.31 -22.05
CA TYR C 36 -20.34 -27.09 -21.31
C TYR C 36 -19.32 -26.02 -21.68
N CYS C 37 -18.03 -26.39 -21.75
CA CYS C 37 -17.02 -25.40 -22.11
C CYS C 37 -17.27 -24.86 -23.52
N GLU C 38 -17.62 -25.73 -24.46
CA GLU C 38 -17.87 -25.28 -25.82
C GLU C 38 -19.07 -24.34 -25.86
N ALA C 39 -20.17 -24.72 -25.20
CA ALA C 39 -21.35 -23.86 -25.18
C ALA C 39 -21.11 -22.56 -24.44
N HIS C 40 -20.08 -22.49 -23.62
CA HIS C 40 -19.76 -21.27 -22.90
C HIS C 40 -18.78 -20.37 -23.65
N ALA C 41 -18.03 -20.91 -24.60
CA ALA C 41 -16.96 -20.15 -25.24
C ALA C 41 -17.48 -18.95 -26.02
N LYS C 42 -18.79 -18.90 -26.31
CA LYS C 42 -19.32 -17.77 -27.04
C LYS C 42 -19.53 -16.55 -26.17
N GLU C 43 -19.50 -16.69 -24.85
CA GLU C 43 -19.80 -15.59 -23.95
C GLU C 43 -18.71 -15.39 -22.90
N ASP C 44 -17.45 -15.67 -23.26
CA ASP C 44 -16.33 -15.45 -22.35
C ASP C 44 -15.65 -14.14 -22.74
N PRO C 45 -15.78 -13.08 -21.93
CA PRO C 45 -15.20 -11.79 -22.34
C PRO C 45 -13.70 -11.84 -22.58
N LEU C 46 -12.97 -12.69 -21.86
CA LEU C 46 -11.54 -12.78 -22.07
C LEU C 46 -11.19 -13.32 -23.45
N LEU C 47 -12.08 -14.11 -24.05
CA LEU C 47 -11.78 -14.72 -25.34
C LEU C 47 -12.32 -13.91 -26.51
N THR C 48 -13.63 -13.72 -26.57
CA THR C 48 -14.24 -13.00 -27.69
C THR C 48 -14.19 -11.50 -27.45
N PRO C 49 -13.61 -10.71 -28.37
CA PRO C 49 -13.46 -9.27 -28.11
C PRO C 49 -14.77 -8.51 -28.10
N VAL C 50 -15.82 -9.02 -28.74
CA VAL C 50 -17.03 -8.22 -28.95
C VAL C 50 -17.64 -7.71 -27.64
N PRO C 51 -17.84 -8.53 -26.61
CA PRO C 51 -18.34 -7.99 -25.34
C PRO C 51 -17.31 -7.18 -24.56
N ALA C 52 -16.10 -7.04 -25.06
CA ALA C 52 -15.07 -6.21 -24.43
C ALA C 52 -14.91 -4.88 -25.17
N SER C 53 -16.00 -4.37 -25.72
CA SER C 53 -16.01 -3.08 -26.40
C SER C 53 -16.37 -1.93 -25.49
N GLU C 54 -17.22 -2.17 -24.48
CA GLU C 54 -17.58 -1.16 -23.49
C GLU C 54 -16.86 -1.43 -22.16
N ASN C 55 -15.60 -1.84 -22.23
CA ASN C 55 -14.79 -2.18 -21.07
C ASN C 55 -14.80 -1.04 -20.07
N PRO C 56 -15.44 -1.22 -18.91
CA PRO C 56 -15.56 -0.10 -17.96
C PRO C 56 -14.24 0.42 -17.46
N PHE C 57 -13.23 -0.43 -17.33
CA PHE C 57 -11.97 -0.04 -16.73
C PHE C 57 -11.14 0.87 -17.62
N ARG C 58 -11.51 1.03 -18.89
CA ARG C 58 -10.75 1.86 -19.81
C ARG C 58 -11.35 3.25 -19.92
N VAL D 39 -27.16 9.47 14.58
CA VAL D 39 -28.38 8.86 15.09
C VAL D 39 -29.03 9.76 16.12
N GLN D 40 -28.36 10.86 16.47
CA GLN D 40 -28.95 11.84 17.36
C GLN D 40 -28.29 13.19 17.07
N LEU D 41 -29.00 14.05 16.34
CA LEU D 41 -28.56 15.40 16.04
C LEU D 41 -29.55 16.37 16.65
N VAL D 42 -29.06 17.30 17.47
CA VAL D 42 -29.87 18.35 18.05
C VAL D 42 -29.13 19.67 17.87
N GLU D 43 -29.85 20.72 17.52
CA GLU D 43 -29.27 22.02 17.25
C GLU D 43 -29.91 23.08 18.14
N SER D 44 -29.23 24.21 18.27
CA SER D 44 -29.70 25.29 19.12
C SER D 44 -29.06 26.59 18.67
N GLY D 45 -29.71 27.69 19.04
CA GLY D 45 -29.19 29.01 18.72
C GLY D 45 -30.25 29.97 18.22
N GLY D 46 -31.49 29.49 18.11
CA GLY D 46 -32.57 30.31 17.58
C GLY D 46 -33.14 31.27 18.61
N GLY D 47 -34.13 32.01 18.16
CA GLY D 47 -34.82 32.96 19.01
C GLY D 47 -35.34 34.12 18.19
N LEU D 48 -35.12 35.34 18.70
CA LEU D 48 -35.52 36.57 18.05
C LEU D 48 -34.28 37.41 17.80
N VAL D 49 -34.14 37.94 16.60
CA VAL D 49 -33.00 38.77 16.23
C VAL D 49 -33.50 40.04 15.58
N GLN D 50 -32.65 41.06 15.58
CA GLN D 50 -32.94 42.34 14.95
C GLN D 50 -32.27 42.42 13.59
N PRO D 51 -32.93 43.03 12.61
CA PRO D 51 -32.41 43.03 11.25
C PRO D 51 -31.02 43.64 11.17
N GLY D 52 -30.21 43.09 10.27
CA GLY D 52 -28.83 43.54 10.16
C GLY D 52 -27.93 43.05 11.27
N GLY D 53 -28.41 42.17 12.14
CA GLY D 53 -27.67 41.71 13.27
C GLY D 53 -26.82 40.50 12.98
N SER D 54 -26.59 39.70 14.02
CA SER D 54 -25.74 38.52 13.91
C SER D 54 -26.19 37.48 14.92
N ARG D 55 -25.78 36.23 14.67
CA ARG D 55 -26.13 35.12 15.54
C ARG D 55 -25.24 33.95 15.15
N LYS D 56 -25.09 33.00 16.07
CA LYS D 56 -24.37 31.77 15.79
C LYS D 56 -25.32 30.59 15.96
N LEU D 57 -25.14 29.57 15.12
CA LEU D 57 -25.96 28.37 15.16
C LEU D 57 -25.08 27.16 15.41
N SER D 58 -25.55 26.28 16.29
CA SER D 58 -24.76 25.13 16.68
C SER D 58 -25.52 23.84 16.62
N CYS D 59 -24.90 22.79 16.12
CA CYS D 59 -25.55 21.49 16.02
C CYS D 59 -24.75 20.50 16.81
N SER D 60 -25.35 19.85 17.79
CA SER D 60 -24.66 18.91 18.66
C SER D 60 -24.77 17.51 18.20
N ALA D 61 -23.69 16.96 17.72
CA ALA D 61 -23.64 15.62 17.18
C ALA D 61 -23.23 14.64 18.27
N SER D 62 -24.01 13.57 18.44
CA SER D 62 -23.74 12.60 19.49
C SER D 62 -24.34 11.26 19.05
N GLY D 63 -23.48 10.34 18.60
CA GLY D 63 -23.95 9.02 18.27
C GLY D 63 -23.41 8.40 17.00
N PHE D 64 -22.49 9.07 16.32
CA PHE D 64 -21.90 8.50 15.12
C PHE D 64 -20.54 9.14 14.88
N ALA D 65 -19.84 8.61 13.89
CA ALA D 65 -18.52 9.10 13.53
C ALA D 65 -18.64 10.44 12.80
N PHE D 66 -18.64 11.53 13.56
CA PHE D 66 -18.88 12.85 12.97
C PHE D 66 -17.78 13.23 11.99
N SER D 67 -16.53 12.86 12.30
CA SER D 67 -15.41 13.35 11.51
C SER D 67 -15.42 12.84 10.08
N SER D 68 -16.05 11.72 9.81
CA SER D 68 -16.06 11.14 8.48
C SER D 68 -17.35 11.44 7.72
N PHE D 69 -18.22 12.28 8.27
CA PHE D 69 -19.47 12.66 7.64
C PHE D 69 -19.42 14.13 7.25
N GLY D 70 -19.72 14.43 6.00
CA GLY D 70 -20.02 15.79 5.63
C GLY D 70 -21.39 16.18 6.15
N MET D 71 -21.56 17.48 6.41
CA MET D 71 -22.84 17.97 6.90
C MET D 71 -23.25 19.22 6.13
N HIS D 72 -24.56 19.39 5.99
CA HIS D 72 -25.14 20.50 5.25
C HIS D 72 -25.98 21.35 6.20
N TRP D 73 -26.71 22.30 5.61
CA TRP D 73 -27.65 23.13 6.32
C TRP D 73 -28.77 23.47 5.35
N VAL D 74 -30.01 23.17 5.74
CA VAL D 74 -31.16 23.46 4.91
C VAL D 74 -32.20 24.17 5.77
N ARG D 75 -33.01 24.99 5.11
CA ARG D 75 -33.94 25.88 5.79
C ARG D 75 -35.35 25.63 5.29
N GLN D 76 -36.33 26.20 6.00
CA GLN D 76 -37.74 26.05 5.67
C GLN D 76 -38.48 27.27 6.18
N ALA D 77 -38.81 28.18 5.27
CA ALA D 77 -39.66 29.29 5.64
C ALA D 77 -41.07 28.77 5.95
N PRO D 78 -41.79 29.41 6.87
CA PRO D 78 -43.12 28.90 7.23
C PRO D 78 -44.04 28.81 6.03
N GLU D 79 -44.78 27.70 5.97
CA GLU D 79 -45.72 27.40 4.89
C GLU D 79 -45.04 27.33 3.53
N LYS D 80 -43.72 27.24 3.49
CA LYS D 80 -42.96 27.13 2.25
C LYS D 80 -42.22 25.80 2.22
N GLY D 81 -41.36 25.64 1.22
CA GLY D 81 -40.63 24.41 1.04
C GLY D 81 -39.25 24.39 1.66
N LEU D 82 -38.32 23.69 1.03
CA LEU D 82 -36.95 23.57 1.51
C LEU D 82 -36.02 24.30 0.55
N GLU D 83 -34.95 24.88 1.08
CA GLU D 83 -33.93 25.53 0.28
C GLU D 83 -32.56 25.25 0.88
N TRP D 84 -31.63 24.83 0.04
CA TRP D 84 -30.28 24.53 0.51
C TRP D 84 -29.56 25.80 0.90
N VAL D 85 -28.68 25.70 1.90
CA VAL D 85 -28.02 26.88 2.44
C VAL D 85 -26.50 26.77 2.34
N ALA D 86 -25.91 25.77 2.95
CA ALA D 86 -24.46 25.65 2.98
C ALA D 86 -24.05 24.19 2.96
N TYR D 87 -22.76 23.92 3.17
CA TYR D 87 -22.20 22.59 3.11
C TYR D 87 -20.74 22.64 3.57
N ILE D 88 -20.29 21.55 4.19
CA ILE D 88 -18.88 21.35 4.50
C ILE D 88 -18.54 19.92 4.13
N SER D 89 -17.44 19.73 3.43
CA SER D 89 -16.98 18.37 3.19
C SER D 89 -16.27 17.84 4.43
N SER D 90 -16.08 16.52 4.46
CA SER D 90 -15.32 15.92 5.54
C SER D 90 -13.92 16.50 5.56
N GLY D 91 -13.46 16.87 6.76
CA GLY D 91 -12.15 17.48 6.90
C GLY D 91 -12.07 18.93 6.47
N SER D 92 -13.20 19.59 6.26
CA SER D 92 -13.23 21.00 5.90
C SER D 92 -12.43 21.29 4.64
N GLY D 93 -12.31 20.29 3.76
CA GLY D 93 -11.54 20.49 2.55
C GLY D 93 -12.19 21.45 1.58
N THR D 94 -13.48 21.27 1.33
CA THR D 94 -14.21 22.09 0.38
C THR D 94 -15.47 22.62 1.02
N ILE D 95 -15.81 23.87 0.71
CA ILE D 95 -16.99 24.53 1.26
C ILE D 95 -17.71 25.24 0.13
N TYR D 96 -19.02 25.08 0.05
CA TYR D 96 -19.86 25.79 -0.89
C TYR D 96 -20.90 26.59 -0.12
N TYR D 97 -21.67 27.40 -0.84
CA TYR D 97 -22.70 28.23 -0.23
C TYR D 97 -23.83 28.40 -1.22
N ALA D 98 -24.89 29.06 -0.76
CA ALA D 98 -26.03 29.39 -1.60
C ALA D 98 -25.97 30.85 -2.00
N ASP D 99 -26.41 31.13 -3.22
CA ASP D 99 -26.26 32.47 -3.78
C ASP D 99 -27.01 33.51 -2.94
N THR D 100 -28.21 33.17 -2.49
CA THR D 100 -28.98 34.13 -1.71
C THR D 100 -28.39 34.42 -0.34
N VAL D 101 -27.42 33.62 0.10
CA VAL D 101 -26.82 33.82 1.42
C VAL D 101 -25.30 33.86 1.31
N LYS D 102 -24.80 34.08 0.10
CA LYS D 102 -23.36 34.15 -0.10
C LYS D 102 -22.77 35.34 0.65
N GLY D 103 -21.54 35.17 1.11
CA GLY D 103 -20.83 36.29 1.72
C GLY D 103 -21.19 36.62 3.14
N ARG D 104 -22.47 36.76 3.44
CA ARG D 104 -22.91 37.13 4.77
C ARG D 104 -23.12 35.93 5.68
N PHE D 105 -22.91 34.71 5.18
CA PHE D 105 -22.92 33.50 5.99
C PHE D 105 -21.56 32.85 5.90
N THR D 106 -21.00 32.45 7.04
CA THR D 106 -19.79 31.65 7.07
C THR D 106 -20.02 30.46 7.97
N ILE D 107 -19.43 29.33 7.62
CA ILE D 107 -19.77 28.06 8.24
C ILE D 107 -18.51 27.28 8.54
N SER D 108 -18.48 26.61 9.70
CA SER D 108 -17.29 25.91 10.13
C SER D 108 -17.68 24.83 11.13
N ARG D 109 -16.76 23.90 11.36
CA ARG D 109 -17.02 22.76 12.23
C ARG D 109 -15.81 22.52 13.12
N ASP D 110 -16.05 21.88 14.26
CA ASP D 110 -15.01 21.53 15.22
C ASP D 110 -15.11 20.03 15.50
N ASP D 111 -14.25 19.25 14.86
CA ASP D 111 -14.34 17.80 14.97
C ASP D 111 -14.18 17.28 16.39
N PRO D 112 -13.16 17.67 17.17
CA PRO D 112 -12.99 17.03 18.50
C PRO D 112 -14.16 17.25 19.43
N LYS D 113 -14.94 18.31 19.24
CA LYS D 113 -16.09 18.56 20.08
C LYS D 113 -17.40 18.08 19.47
N ASN D 114 -17.35 17.55 18.25
CA ASN D 114 -18.53 17.04 17.55
C ASN D 114 -19.64 18.09 17.50
N THR D 115 -19.35 19.20 16.83
CA THR D 115 -20.28 20.30 16.78
C THR D 115 -20.14 21.02 15.44
N LEU D 116 -21.29 21.40 14.88
CA LEU D 116 -21.35 22.10 13.61
C LEU D 116 -21.80 23.54 13.86
N PHE D 117 -21.07 24.50 13.28
CA PHE D 117 -21.30 25.91 13.52
C PHE D 117 -21.71 26.61 12.24
N LEU D 118 -22.77 27.40 12.31
CA LEU D 118 -23.18 28.26 11.21
C LEU D 118 -23.35 29.67 11.75
N GLN D 119 -22.76 30.65 11.07
CA GLN D 119 -22.64 32.01 11.57
C GLN D 119 -23.58 32.94 10.83
N MET D 120 -24.41 33.67 11.59
CA MET D 120 -25.34 34.64 11.05
C MET D 120 -24.68 36.02 11.09
N THR D 121 -24.68 36.70 9.95
CA THR D 121 -24.23 38.10 9.90
C THR D 121 -25.16 38.87 8.99
N SER D 122 -25.58 40.06 9.43
CA SER D 122 -26.40 40.95 8.63
C SER D 122 -27.69 40.25 8.20
N LEU D 123 -28.50 39.90 9.19
CA LEU D 123 -29.72 39.14 8.95
C LEU D 123 -30.73 40.00 8.19
N ARG D 124 -31.08 39.57 6.98
CA ARG D 124 -32.07 40.25 6.17
C ARG D 124 -33.46 39.87 6.68
N SER D 125 -34.50 40.22 5.92
CA SER D 125 -35.87 39.90 6.32
C SER D 125 -36.40 38.63 5.68
N GLU D 126 -35.93 38.27 4.50
CA GLU D 126 -36.32 37.01 3.88
C GLU D 126 -35.46 35.85 4.39
N ASP D 127 -35.38 35.74 5.70
CA ASP D 127 -34.61 34.68 6.34
C ASP D 127 -35.33 34.03 7.51
N THR D 128 -36.49 34.53 7.92
CA THR D 128 -37.21 33.88 9.01
C THR D 128 -37.59 32.48 8.58
N ALA D 129 -36.94 31.49 9.18
CA ALA D 129 -37.15 30.09 8.81
C ALA D 129 -36.66 29.22 9.94
N MET D 130 -37.06 27.96 9.91
CA MET D 130 -36.67 26.99 10.92
C MET D 130 -35.60 26.09 10.32
N TYR D 131 -34.39 26.17 10.85
CA TYR D 131 -33.20 25.63 10.21
C TYR D 131 -32.96 24.19 10.63
N TYR D 132 -32.54 23.38 9.67
CA TYR D 132 -32.29 21.96 9.87
C TYR D 132 -30.80 21.66 9.78
N CYS D 133 -30.43 20.45 10.18
CA CYS D 133 -29.03 20.05 10.30
C CYS D 133 -28.89 18.63 9.77
N VAL D 134 -28.52 18.50 8.51
CA VAL D 134 -28.55 17.22 7.80
C VAL D 134 -27.13 16.73 7.55
N ARG D 135 -26.93 15.43 7.70
CA ARG D 135 -25.65 14.78 7.47
C ARG D 135 -25.68 14.05 6.13
N SER D 136 -24.49 13.73 5.63
CA SER D 136 -24.37 13.00 4.37
C SER D 136 -22.93 12.55 4.19
N ILE D 137 -22.76 11.30 3.76
CA ILE D 137 -21.45 10.76 3.46
C ILE D 137 -21.44 10.36 1.98
N TYR D 138 -20.28 10.50 1.35
CA TYR D 138 -20.15 10.26 -0.08
C TYR D 138 -19.09 9.20 -0.33
N TYR D 139 -19.54 8.02 -0.72
CA TYR D 139 -18.68 6.98 -1.27
C TYR D 139 -19.57 6.08 -2.11
N TYR D 140 -18.96 5.08 -2.75
CA TYR D 140 -19.73 4.24 -3.66
C TYR D 140 -20.82 3.50 -2.92
N GLY D 141 -22.04 3.62 -3.41
CA GLY D 141 -23.17 2.93 -2.80
C GLY D 141 -23.65 3.53 -1.50
N SER D 142 -23.22 4.74 -1.18
CA SER D 142 -23.62 5.36 0.08
C SER D 142 -25.06 5.86 -0.01
N SER D 143 -25.53 6.43 1.09
CA SER D 143 -26.88 6.97 1.19
C SER D 143 -26.81 8.37 1.77
N PRO D 144 -26.54 9.38 0.94
CA PRO D 144 -26.46 10.75 1.44
C PRO D 144 -27.80 11.22 1.96
N PHE D 145 -27.75 12.23 2.83
CA PHE D 145 -28.93 12.79 3.48
C PHE D 145 -29.69 11.73 4.27
N ASP D 146 -28.94 10.87 4.97
CA ASP D 146 -29.56 9.78 5.70
C ASP D 146 -30.37 10.30 6.87
N PHE D 147 -29.79 11.18 7.69
CA PHE D 147 -30.40 11.59 8.94
C PHE D 147 -30.60 13.10 8.98
N TRP D 148 -31.65 13.52 9.67
CA TRP D 148 -32.02 14.93 9.77
C TRP D 148 -32.31 15.28 11.22
N GLY D 149 -31.81 16.43 11.66
CA GLY D 149 -32.00 16.85 13.02
C GLY D 149 -33.42 17.31 13.29
N GLN D 150 -33.61 17.88 14.48
CA GLN D 150 -34.94 18.32 14.89
C GLN D 150 -35.25 19.70 14.33
N GLY D 151 -34.40 20.68 14.57
CA GLY D 151 -34.56 22.00 13.99
C GLY D 151 -34.76 23.10 15.00
N THR D 152 -34.33 24.30 14.63
CA THR D 152 -34.49 25.49 15.45
C THR D 152 -35.12 26.61 14.62
N THR D 153 -35.86 27.47 15.28
CA THR D 153 -36.58 28.56 14.64
C THR D 153 -35.78 29.84 14.77
N LEU D 154 -35.59 30.54 13.65
CA LEU D 154 -34.89 31.82 13.62
C LEU D 154 -35.83 32.85 13.01
N THR D 155 -36.46 33.65 13.86
CA THR D 155 -37.42 34.65 13.43
C THR D 155 -36.75 36.02 13.41
N VAL D 156 -36.77 36.67 12.26
CA VAL D 156 -36.20 38.01 12.10
C VAL D 156 -37.35 38.95 11.73
N SER D 157 -37.87 39.65 12.73
CA SER D 157 -38.99 40.54 12.52
C SER D 157 -38.50 41.93 12.13
N ALA D 174 -29.98 29.55 -15.07
CA ALA D 174 -28.66 29.68 -14.47
C ALA D 174 -28.32 28.45 -13.65
N ASP D 175 -29.34 27.81 -13.09
CA ASP D 175 -29.18 26.63 -12.25
C ASP D 175 -30.29 25.65 -12.56
N ILE D 176 -30.42 24.62 -11.74
CA ILE D 176 -31.41 23.58 -11.97
C ILE D 176 -32.74 24.01 -11.38
N VAL D 177 -33.84 23.62 -12.02
CA VAL D 177 -35.18 23.97 -11.59
C VAL D 177 -36.00 22.68 -11.49
N MET D 178 -36.59 22.45 -10.33
CA MET D 178 -37.48 21.31 -10.11
C MET D 178 -38.87 21.82 -9.77
N THR D 179 -39.87 21.33 -10.50
CA THR D 179 -41.26 21.74 -10.30
C THR D 179 -42.12 20.50 -10.23
N GLN D 180 -42.71 20.25 -9.06
CA GLN D 180 -43.61 19.11 -8.94
C GLN D 180 -44.99 19.43 -9.49
N ALA D 181 -45.29 20.70 -9.72
CA ALA D 181 -46.49 21.14 -10.44
C ALA D 181 -47.78 20.62 -9.83
N THR D 182 -47.74 20.20 -8.58
CA THR D 182 -48.94 19.72 -7.91
C THR D 182 -48.87 20.10 -6.44
N SER D 183 -50.01 20.48 -5.88
CA SER D 183 -50.08 20.90 -4.48
C SER D 183 -50.60 19.78 -3.59
N SER D 184 -51.73 19.17 -3.94
CA SER D 184 -52.34 18.17 -3.07
C SER D 184 -53.13 17.17 -3.88
N VAL D 185 -53.08 15.91 -3.48
CA VAL D 185 -53.87 14.85 -4.09
C VAL D 185 -54.67 14.17 -2.98
N PRO D 186 -55.98 13.98 -3.16
CA PRO D 186 -56.78 13.33 -2.11
C PRO D 186 -56.77 11.82 -2.26
N VAL D 187 -56.53 11.09 -1.16
CA VAL D 187 -56.48 9.64 -1.18
C VAL D 187 -57.07 9.10 0.11
N THR D 188 -57.31 7.79 0.10
CA THR D 188 -57.78 7.01 1.24
C THR D 188 -56.85 5.83 1.46
N PRO D 189 -56.76 5.31 2.68
CA PRO D 189 -55.87 4.17 2.92
C PRO D 189 -56.26 2.97 2.08
N GLY D 190 -55.27 2.31 1.51
CA GLY D 190 -55.50 1.05 0.85
C GLY D 190 -55.05 0.93 -0.59
N GLU D 191 -55.26 1.95 -1.41
CA GLU D 191 -54.92 1.85 -2.82
C GLU D 191 -53.68 2.65 -3.13
N SER D 192 -53.09 2.34 -4.29
CA SER D 192 -51.83 2.98 -4.67
C SER D 192 -52.07 4.42 -5.11
N VAL D 193 -50.97 5.16 -5.21
CA VAL D 193 -50.98 6.54 -5.65
C VAL D 193 -49.58 6.86 -6.15
N SER D 194 -49.50 7.79 -7.10
CA SER D 194 -48.23 8.16 -7.68
C SER D 194 -48.06 9.67 -7.61
N ILE D 195 -46.80 10.09 -7.48
CA ILE D 195 -46.43 11.49 -7.47
C ILE D 195 -45.33 11.71 -8.49
N SER D 196 -45.37 12.85 -9.17
CA SER D 196 -44.49 13.13 -10.28
C SER D 196 -43.57 14.29 -9.96
N CYS D 197 -42.40 14.30 -10.61
CA CYS D 197 -41.42 15.35 -10.46
C CYS D 197 -40.81 15.63 -11.82
N ARG D 198 -40.36 16.86 -12.03
CA ARG D 198 -39.82 17.26 -13.32
C ARG D 198 -38.63 18.19 -13.11
N SER D 199 -37.57 17.97 -13.89
CA SER D 199 -36.35 18.75 -13.78
C SER D 199 -36.16 19.59 -15.04
N SER D 200 -35.18 20.49 -14.97
CA SER D 200 -34.89 21.36 -16.11
C SER D 200 -34.07 20.62 -17.17
N LYS D 201 -32.87 20.19 -16.81
CA LYS D 201 -32.02 19.41 -17.68
C LYS D 201 -31.96 17.97 -17.22
N SER D 202 -31.53 17.09 -18.11
CA SER D 202 -31.47 15.68 -17.80
C SER D 202 -30.45 15.42 -16.71
N LEU D 203 -30.88 14.73 -15.65
CA LEU D 203 -30.02 14.48 -14.49
C LEU D 203 -29.13 13.26 -14.68
N LEU D 204 -29.28 12.51 -15.77
CA LEU D 204 -28.51 11.30 -15.98
C LEU D 204 -27.07 11.68 -16.31
N HIS D 205 -26.19 11.60 -15.31
CA HIS D 205 -24.77 11.79 -15.54
C HIS D 205 -24.24 10.64 -16.37
N SER D 206 -23.22 10.93 -17.19
CA SER D 206 -22.64 9.92 -18.05
C SER D 206 -22.00 8.78 -17.26
N ASN D 207 -21.70 8.99 -15.98
CA ASN D 207 -21.06 7.93 -15.20
C ASN D 207 -21.94 6.71 -15.05
N GLY D 208 -23.26 6.88 -15.06
CA GLY D 208 -24.14 5.73 -15.07
C GLY D 208 -25.36 5.82 -14.19
N ASN D 209 -25.33 6.67 -13.16
CA ASN D 209 -26.43 6.75 -12.21
C ASN D 209 -27.05 8.14 -12.24
N THR D 210 -28.35 8.19 -11.95
CA THR D 210 -29.13 9.42 -11.95
C THR D 210 -29.23 9.96 -10.54
N TYR D 211 -29.10 11.27 -10.39
CA TYR D 211 -29.05 11.89 -9.07
C TYR D 211 -30.39 12.55 -8.80
N LEU D 212 -31.30 11.79 -8.18
CA LEU D 212 -32.58 12.32 -7.76
C LEU D 212 -32.95 11.69 -6.42
N TYR D 213 -33.31 12.52 -5.46
CA TYR D 213 -33.68 12.04 -4.14
C TYR D 213 -35.15 12.33 -3.87
N TRP D 214 -35.70 11.61 -2.90
CA TRP D 214 -37.08 11.81 -2.47
C TRP D 214 -37.10 11.90 -0.96
N PHE D 215 -37.98 12.75 -0.44
CA PHE D 215 -38.05 13.01 0.99
C PHE D 215 -39.50 12.98 1.45
N LEU D 216 -39.69 12.64 2.72
CA LEU D 216 -41.01 12.58 3.33
C LEU D 216 -40.98 13.43 4.58
N GLN D 217 -42.11 14.07 4.89
CA GLN D 217 -42.20 14.97 6.03
C GLN D 217 -43.57 14.80 6.68
N ARG D 218 -43.64 14.01 7.73
CA ARG D 218 -44.87 13.90 8.50
C ARG D 218 -45.16 15.26 9.15
N PRO D 219 -46.43 15.57 9.38
CA PRO D 219 -46.77 16.87 9.97
C PRO D 219 -46.08 17.06 11.32
N GLY D 220 -45.46 18.23 11.47
CA GLY D 220 -44.78 18.55 12.71
C GLY D 220 -43.64 17.62 13.06
N GLN D 221 -42.86 17.20 12.07
CA GLN D 221 -41.78 16.24 12.28
C GLN D 221 -40.62 16.56 11.36
N SER D 222 -39.46 16.02 11.71
CA SER D 222 -38.29 16.20 10.88
C SER D 222 -38.38 15.31 9.65
N PRO D 223 -38.03 15.81 8.47
CA PRO D 223 -38.11 15.00 7.27
C PRO D 223 -37.08 13.88 7.27
N GLN D 224 -37.42 12.78 6.62
CA GLN D 224 -36.51 11.65 6.45
C GLN D 224 -36.43 11.28 4.99
N LEU D 225 -35.54 10.36 4.67
CA LEU D 225 -35.26 9.98 3.30
C LEU D 225 -36.02 8.72 2.92
N LEU D 226 -36.60 8.72 1.73
CA LEU D 226 -37.32 7.56 1.22
C LEU D 226 -36.49 6.76 0.23
N ILE D 227 -36.08 7.39 -0.88
CA ILE D 227 -35.28 6.71 -1.89
C ILE D 227 -34.20 7.66 -2.40
N TYR D 228 -33.09 7.08 -2.82
CA TYR D 228 -31.98 7.83 -3.41
C TYR D 228 -31.58 7.22 -4.74
N ARG D 229 -31.07 8.04 -5.66
CA ARG D 229 -30.70 7.56 -7.00
C ARG D 229 -31.93 7.07 -7.78
N MET D 230 -33.13 7.55 -7.41
CA MET D 230 -34.39 7.25 -8.09
C MET D 230 -34.80 5.80 -7.93
N SER D 231 -33.90 4.95 -7.48
CA SER D 231 -34.28 3.55 -7.48
C SER D 231 -34.07 2.87 -6.14
N ASN D 232 -33.01 3.19 -5.42
CA ASN D 232 -32.66 2.43 -4.23
C ASN D 232 -33.48 2.87 -3.04
N LEU D 233 -33.96 1.91 -2.27
CA LEU D 233 -34.69 2.22 -1.04
C LEU D 233 -33.71 2.56 0.07
N ALA D 234 -34.20 3.31 1.04
CA ALA D 234 -33.39 3.67 2.20
C ALA D 234 -33.62 2.70 3.33
N SER D 235 -32.63 2.60 4.21
CA SER D 235 -32.73 1.70 5.35
C SER D 235 -33.89 2.10 6.23
N GLY D 236 -34.57 1.12 6.81
CA GLY D 236 -35.66 1.40 7.70
C GLY D 236 -36.94 1.87 7.03
N VAL D 237 -37.04 1.73 5.72
CA VAL D 237 -38.22 2.12 4.96
C VAL D 237 -38.95 0.86 4.52
N PRO D 238 -40.26 0.76 4.71
CA PRO D 238 -40.97 -0.45 4.29
C PRO D 238 -40.83 -0.67 2.79
N ASP D 239 -40.73 -1.94 2.40
CA ASP D 239 -40.48 -2.26 1.00
C ASP D 239 -41.76 -2.18 0.19
N ARG D 240 -42.48 -1.07 0.30
CA ARG D 240 -43.66 -0.82 -0.50
C ARG D 240 -43.59 0.47 -1.30
N PHE D 241 -42.67 1.36 -0.97
CA PHE D 241 -42.37 2.49 -1.85
C PHE D 241 -41.59 1.98 -3.05
N SER D 242 -41.42 2.87 -4.03
CA SER D 242 -40.63 2.56 -5.22
C SER D 242 -40.40 3.86 -5.97
N GLY D 243 -39.46 3.84 -6.90
CA GLY D 243 -39.19 5.03 -7.68
C GLY D 243 -38.71 4.67 -9.07
N SER D 244 -38.98 5.52 -10.05
CA SER D 244 -38.65 5.22 -11.43
C SER D 244 -38.65 6.52 -12.22
N GLY D 245 -38.38 6.39 -13.51
CA GLY D 245 -38.29 7.55 -14.39
C GLY D 245 -37.10 7.46 -15.31
N SER D 246 -36.90 8.45 -16.17
CA SER D 246 -35.81 8.41 -17.13
C SER D 246 -35.48 9.84 -17.56
N GLY D 247 -34.26 10.27 -17.28
CA GLY D 247 -33.78 11.52 -17.82
C GLY D 247 -34.36 12.76 -17.16
N THR D 248 -35.64 13.01 -17.40
CA THR D 248 -36.24 14.25 -16.93
C THR D 248 -37.53 14.03 -16.16
N ALA D 249 -38.30 12.99 -16.48
CA ALA D 249 -39.55 12.71 -15.80
C ALA D 249 -39.32 11.67 -14.72
N PHE D 250 -39.88 11.92 -13.54
CA PHE D 250 -39.67 11.08 -12.37
C PHE D 250 -41.00 10.77 -11.71
N THR D 251 -41.11 9.58 -11.13
CA THR D 251 -42.34 9.14 -10.49
C THR D 251 -42.04 8.38 -9.21
N LEU D 252 -42.86 8.65 -8.18
CA LEU D 252 -42.82 7.94 -6.92
C LEU D 252 -44.16 7.26 -6.70
N THR D 253 -44.13 5.97 -6.35
CA THR D 253 -45.36 5.18 -6.28
C THR D 253 -45.43 4.47 -4.92
N ILE D 254 -46.41 4.84 -4.12
CA ILE D 254 -46.74 4.10 -2.92
C ILE D 254 -47.70 2.98 -3.29
N SER D 255 -47.40 1.76 -2.84
CA SER D 255 -48.21 0.62 -3.25
C SER D 255 -49.54 0.57 -2.49
N ARG D 256 -49.47 0.50 -1.16
CA ARG D 256 -50.66 0.47 -0.33
C ARG D 256 -50.47 1.42 0.84
N LEU D 257 -51.21 2.52 0.83
CA LEU D 257 -51.04 3.55 1.86
C LEU D 257 -51.36 3.01 3.24
N GLU D 258 -50.77 3.65 4.23
CA GLU D 258 -51.05 3.42 5.64
C GLU D 258 -51.23 4.76 6.32
N ALA D 259 -51.77 4.72 7.54
CA ALA D 259 -52.06 5.96 8.26
C ALA D 259 -50.82 6.79 8.51
N GLU D 260 -49.66 6.16 8.66
CA GLU D 260 -48.43 6.87 8.97
C GLU D 260 -47.71 7.41 7.74
N ASP D 261 -48.40 7.55 6.62
CA ASP D 261 -47.77 8.02 5.39
C ASP D 261 -48.27 9.38 4.93
N VAL D 262 -49.28 9.94 5.59
CA VAL D 262 -49.77 11.25 5.20
C VAL D 262 -48.72 12.31 5.50
N GLY D 263 -48.48 13.19 4.53
CA GLY D 263 -47.49 14.24 4.72
C GLY D 263 -47.19 14.94 3.41
N VAL D 264 -46.06 15.65 3.41
CA VAL D 264 -45.60 16.42 2.26
C VAL D 264 -44.33 15.77 1.72
N TYR D 265 -44.29 15.52 0.43
CA TYR D 265 -43.15 14.86 -0.21
C TYR D 265 -42.36 15.87 -1.01
N TYR D 266 -41.03 15.78 -0.94
CA TYR D 266 -40.15 16.76 -1.55
C TYR D 266 -39.20 16.09 -2.54
N CYS D 267 -39.00 16.75 -3.67
CA CYS D 267 -38.09 16.33 -4.72
C CYS D 267 -36.81 17.13 -4.61
N MET D 268 -35.69 16.53 -4.98
CA MET D 268 -34.40 17.22 -4.86
C MET D 268 -33.39 16.59 -5.79
N GLN D 269 -32.58 17.42 -6.44
CA GLN D 269 -31.50 16.95 -7.30
C GLN D 269 -30.16 17.08 -6.59
N HIS D 270 -29.14 16.46 -7.19
CA HIS D 270 -27.79 16.53 -6.62
C HIS D 270 -26.71 16.65 -7.70
N LEU D 271 -27.07 16.90 -8.95
CA LEU D 271 -26.07 16.87 -10.01
C LEU D 271 -25.25 18.15 -10.07
N GLU D 272 -25.88 19.26 -10.37
CA GLU D 272 -25.26 20.57 -10.20
C GLU D 272 -25.27 20.91 -8.71
N TYR D 273 -24.30 21.71 -8.29
CA TYR D 273 -24.12 21.69 -6.85
C TYR D 273 -25.17 22.52 -6.12
N PRO D 274 -25.56 23.72 -6.61
CA PRO D 274 -26.70 24.38 -5.96
C PRO D 274 -27.91 23.46 -5.92
N LEU D 275 -28.28 23.04 -4.72
CA LEU D 275 -29.28 21.99 -4.52
C LEU D 275 -30.66 22.62 -4.43
N THR D 276 -31.37 22.62 -5.55
CA THR D 276 -32.73 23.12 -5.55
C THR D 276 -33.69 22.01 -5.18
N PHE D 277 -34.68 22.34 -4.35
CA PHE D 277 -35.70 21.42 -3.91
C PHE D 277 -36.93 21.58 -4.79
N GLY D 278 -38.03 20.93 -4.38
CA GLY D 278 -39.29 21.07 -5.06
C GLY D 278 -40.21 22.04 -4.34
N ALA D 279 -41.31 22.38 -5.01
CA ALA D 279 -42.26 23.30 -4.42
C ALA D 279 -42.98 22.68 -3.23
N GLY D 280 -43.37 21.42 -3.36
CA GLY D 280 -44.08 20.75 -2.28
C GLY D 280 -45.35 20.05 -2.75
N THR D 281 -45.51 18.78 -2.40
CA THR D 281 -46.69 18.01 -2.72
C THR D 281 -47.24 17.40 -1.45
N LYS D 282 -48.52 17.65 -1.17
CA LYS D 282 -49.15 17.22 0.07
C LYS D 282 -50.12 16.08 -0.20
N LEU D 283 -49.90 14.96 0.46
CA LEU D 283 -50.86 13.85 0.42
C LEU D 283 -51.86 13.95 1.56
N GLU D 284 -52.50 15.10 1.68
CA GLU D 284 -53.53 15.28 2.69
C GLU D 284 -54.67 14.30 2.43
N LEU D 285 -54.88 13.38 3.36
CA LEU D 285 -55.94 12.39 3.21
C LEU D 285 -57.28 13.05 3.43
N VAL E 24 47.95 26.81 -28.55
CA VAL E 24 46.51 27.04 -28.56
C VAL E 24 45.88 26.49 -27.29
N LEU E 25 45.36 25.27 -27.39
CA LEU E 25 44.74 24.55 -26.28
C LEU E 25 43.55 25.29 -25.69
N ARG E 26 43.08 26.35 -26.35
CA ARG E 26 41.88 27.03 -25.93
C ARG E 26 40.63 26.22 -26.23
N ILE E 27 40.76 25.13 -27.00
CA ILE E 27 39.61 24.28 -27.29
C ILE E 27 39.36 23.25 -26.20
N LEU E 28 40.33 23.00 -25.33
CA LEU E 28 40.16 22.02 -24.27
C LEU E 28 38.91 22.28 -23.42
N PRO E 29 38.64 23.50 -22.95
CA PRO E 29 37.35 23.72 -22.28
C PRO E 29 36.16 23.39 -23.15
N LEU E 30 36.22 23.73 -24.44
CA LEU E 30 35.16 23.32 -25.35
C LEU E 30 35.11 21.81 -25.47
N VAL E 31 36.27 21.15 -25.47
CA VAL E 31 36.29 19.70 -25.53
C VAL E 31 35.68 19.11 -24.28
N VAL E 32 35.99 19.68 -23.11
CA VAL E 32 35.51 19.11 -21.85
C VAL E 32 34.00 19.18 -21.78
N LEU E 33 33.42 20.33 -22.13
CA LEU E 33 31.98 20.49 -22.02
C LEU E 33 31.25 19.48 -22.91
N GLY E 34 31.84 19.12 -24.04
CA GLY E 34 31.21 18.12 -24.89
C GLY E 34 30.99 16.81 -24.15
N VAL E 35 32.01 16.36 -23.42
CA VAL E 35 31.84 15.18 -22.59
C VAL E 35 30.83 15.46 -21.49
N THR E 36 30.88 16.66 -20.90
CA THR E 36 29.98 16.99 -19.80
C THR E 36 28.52 16.90 -20.23
N PHE E 37 28.24 17.14 -21.50
CA PHE E 37 26.86 17.07 -21.97
C PHE E 37 26.44 15.63 -22.23
N VAL E 38 27.13 14.95 -23.15
CA VAL E 38 26.72 13.61 -23.56
C VAL E 38 26.76 12.66 -22.38
N LEU E 39 27.88 12.63 -21.66
CA LEU E 39 27.97 11.77 -20.49
C LEU E 39 27.08 12.27 -19.37
N GLY E 40 26.70 13.54 -19.38
CA GLY E 40 25.91 14.11 -18.32
C GLY E 40 24.43 13.81 -18.41
N VAL E 41 23.79 14.25 -19.50
CA VAL E 41 22.35 14.09 -19.61
C VAL E 41 21.98 12.62 -19.73
N LEU E 42 22.81 11.84 -20.41
CA LEU E 42 22.54 10.41 -20.52
C LEU E 42 22.59 9.74 -19.16
N GLY E 43 23.59 10.08 -18.34
CA GLY E 43 23.63 9.56 -16.99
C GLY E 43 22.49 10.07 -16.13
N ASN E 44 22.24 11.38 -16.20
CA ASN E 44 21.18 11.95 -15.39
C ASN E 44 19.80 11.48 -15.84
N GLY E 45 19.62 11.32 -17.15
CA GLY E 45 18.35 10.85 -17.66
C GLY E 45 17.95 9.50 -17.12
N LEU E 46 18.91 8.72 -16.63
CA LEU E 46 18.58 7.43 -16.02
C LEU E 46 18.16 7.60 -14.57
N VAL E 47 18.99 8.25 -13.76
CA VAL E 47 18.68 8.43 -12.35
C VAL E 47 17.43 9.26 -12.16
N ILE E 48 17.10 10.14 -13.11
CA ILE E 48 15.84 10.86 -13.04
C ILE E 48 14.67 9.94 -13.30
N TRP E 49 14.93 8.74 -13.84
CA TRP E 49 13.90 7.79 -14.20
C TRP E 49 13.89 6.55 -13.31
N VAL E 50 15.04 5.88 -13.18
CA VAL E 50 15.10 4.68 -12.36
C VAL E 50 14.97 4.95 -10.87
N ALA E 51 15.06 6.21 -10.45
CA ALA E 51 15.03 6.53 -9.04
C ALA E 51 13.87 7.45 -8.65
N GLY E 52 13.06 7.88 -9.59
CA GLY E 52 11.92 8.70 -9.25
C GLY E 52 10.61 8.11 -9.72
N PHE E 53 10.67 7.27 -10.73
CA PHE E 53 9.48 6.69 -11.35
C PHE E 53 9.31 5.21 -11.09
N ARG E 54 10.37 4.43 -11.13
CA ARG E 54 10.29 2.98 -11.04
C ARG E 54 10.96 2.47 -9.78
N MET E 55 10.75 3.14 -8.65
CA MET E 55 11.35 2.73 -7.39
C MET E 55 10.60 3.41 -6.26
N THR E 56 10.56 2.74 -5.11
CA THR E 56 9.81 3.27 -3.97
C THR E 56 10.42 4.57 -3.49
N ARG E 57 9.58 5.39 -2.86
CA ARG E 57 9.98 6.73 -2.45
C ARG E 57 10.48 6.70 -1.01
N THR E 58 11.76 7.01 -0.83
CA THR E 58 12.38 7.16 0.47
C THR E 58 13.17 8.47 0.49
N VAL E 59 13.71 8.80 1.67
CA VAL E 59 14.44 10.06 1.81
C VAL E 59 15.71 10.04 0.97
N THR E 60 16.41 8.92 0.96
CA THR E 60 17.65 8.84 0.22
C THR E 60 17.40 9.02 -1.28
N THR E 61 16.36 8.35 -1.80
CA THR E 61 16.08 8.46 -3.22
C THR E 61 15.51 9.83 -3.56
N ILE E 62 14.82 10.48 -2.64
CA ILE E 62 14.33 11.82 -2.94
C ILE E 62 15.49 12.81 -3.01
N CYS E 63 16.48 12.65 -2.13
CA CYS E 63 17.65 13.51 -2.19
C CYS E 63 18.42 13.30 -3.50
N TYR E 64 18.61 12.05 -3.90
CA TYR E 64 19.24 11.80 -5.19
C TYR E 64 18.40 12.35 -6.33
N LEU E 65 17.07 12.26 -6.23
CA LEU E 65 16.21 12.77 -7.29
C LEU E 65 16.40 14.27 -7.46
N ASN E 66 16.44 15.01 -6.35
CA ASN E 66 16.61 16.45 -6.46
C ASN E 66 17.99 16.81 -7.01
N LEU E 67 19.03 16.13 -6.54
CA LEU E 67 20.36 16.41 -7.07
C LEU E 67 20.42 16.13 -8.57
N ALA E 68 19.84 15.02 -8.99
CA ALA E 68 19.83 14.66 -10.40
C ALA E 68 19.03 15.65 -11.21
N LEU E 69 17.91 16.13 -10.68
CA LEU E 69 17.12 17.13 -11.39
C LEU E 69 17.90 18.40 -11.61
N ALA E 70 18.57 18.89 -10.56
CA ALA E 70 19.38 20.10 -10.69
C ALA E 70 20.47 19.91 -11.73
N ASP E 71 21.22 18.81 -11.64
CA ASP E 71 22.32 18.59 -12.56
C ASP E 71 21.82 18.40 -13.98
N PHE E 72 20.68 17.74 -14.15
CA PHE E 72 20.14 17.51 -15.48
C PHE E 72 19.72 18.82 -16.14
N SER E 73 19.03 19.68 -15.39
CA SER E 73 18.66 20.97 -15.94
C SER E 73 19.89 21.79 -16.30
N PHE E 74 20.91 21.76 -15.44
CA PHE E 74 22.15 22.47 -15.76
C PHE E 74 22.75 21.97 -17.05
N THR E 75 22.90 20.65 -17.19
CA THR E 75 23.47 20.09 -18.40
C THR E 75 22.62 20.39 -19.62
N ALA E 76 21.31 20.44 -19.45
CA ALA E 76 20.43 20.79 -20.56
C ALA E 76 20.68 22.22 -21.03
N THR E 77 20.88 23.14 -20.08
CA THR E 77 21.19 24.51 -20.45
C THR E 77 22.60 24.65 -21.01
N LEU E 78 23.49 23.71 -20.70
CA LEU E 78 24.90 23.82 -21.05
C LEU E 78 25.19 24.11 -22.53
N PRO E 79 24.57 23.44 -23.50
CA PRO E 79 25.04 23.60 -24.89
C PRO E 79 25.05 25.02 -25.41
N PHE E 80 24.08 25.85 -25.02
CA PHE E 80 24.12 27.25 -25.44
C PHE E 80 25.35 27.94 -24.87
N LEU E 81 25.68 27.67 -23.61
CA LEU E 81 26.90 28.23 -23.03
C LEU E 81 28.13 27.72 -23.78
N ILE E 82 28.10 26.47 -24.21
CA ILE E 82 29.20 25.93 -24.99
C ILE E 82 29.35 26.70 -26.29
N VAL E 83 28.23 26.99 -26.95
CA VAL E 83 28.27 27.76 -28.19
C VAL E 83 28.85 29.14 -27.93
N SER E 84 28.42 29.78 -26.85
CA SER E 84 28.93 31.11 -26.53
C SER E 84 30.43 31.08 -26.30
N MET E 85 30.90 30.11 -25.51
CA MET E 85 32.33 30.00 -25.24
C MET E 85 33.11 29.76 -26.52
N ALA E 86 32.59 28.92 -27.41
CA ALA E 86 33.26 28.68 -28.68
C ALA E 86 33.33 29.95 -29.51
N MET E 87 32.23 30.71 -29.57
CA MET E 87 32.24 31.97 -30.30
C MET E 87 33.13 33.00 -29.65
N GLY E 88 33.48 32.82 -28.38
CA GLY E 88 34.33 33.77 -27.69
C GLY E 88 33.52 34.80 -26.93
N GLU E 89 32.46 34.34 -26.27
CA GLU E 89 31.58 35.18 -25.48
C GLU E 89 31.03 36.33 -26.33
N LYS E 90 30.36 35.95 -27.41
CA LYS E 90 29.64 36.90 -28.26
C LYS E 90 28.25 36.31 -28.46
N TRP E 91 27.36 36.60 -27.51
CA TRP E 91 26.07 35.93 -27.33
C TRP E 91 25.19 35.99 -28.58
N PRO E 92 24.95 34.86 -29.24
CA PRO E 92 24.01 34.85 -30.37
C PRO E 92 22.56 34.87 -29.96
N PHE E 93 22.24 34.38 -28.76
CA PHE E 93 20.87 34.29 -28.30
C PHE E 93 20.29 35.67 -28.03
N GLY E 94 18.96 35.72 -27.98
CA GLY E 94 18.25 36.96 -27.78
C GLY E 94 18.22 37.39 -26.32
N TRP E 95 17.44 38.44 -26.06
CA TRP E 95 17.34 39.00 -24.73
C TRP E 95 16.71 38.02 -23.74
N PHE E 96 15.54 37.50 -24.10
CA PHE E 96 14.85 36.57 -23.21
C PHE E 96 15.64 35.28 -23.03
N LEU E 97 16.23 34.79 -24.12
CA LEU E 97 17.06 33.60 -24.02
C LEU E 97 18.26 33.83 -23.10
N CYS E 98 18.89 35.01 -23.21
CA CYS E 98 20.00 35.33 -22.33
C CYS E 98 19.57 35.30 -20.87
N LYS E 99 18.49 36.02 -20.55
CA LYS E 99 18.03 36.07 -19.18
C LYS E 99 17.70 34.68 -18.66
N LEU E 100 16.96 33.90 -19.43
CA LEU E 100 16.53 32.58 -18.99
C LEU E 100 17.70 31.64 -18.79
N ILE E 101 18.61 31.59 -19.78
CA ILE E 101 19.72 30.65 -19.68
C ILE E 101 20.63 31.00 -18.52
N HIS E 102 20.98 32.27 -18.36
CA HIS E 102 21.85 32.57 -17.23
C HIS E 102 21.16 32.38 -15.89
N ILE E 103 19.88 32.72 -15.77
CA ILE E 103 19.23 32.52 -14.48
C ILE E 103 19.14 31.04 -14.16
N VAL E 104 18.85 30.21 -15.17
CA VAL E 104 18.69 28.77 -14.90
C VAL E 104 20.05 28.16 -14.56
N VAL E 105 21.11 28.55 -15.26
CA VAL E 105 22.41 27.96 -14.99
C VAL E 105 22.89 28.36 -13.61
N ASP E 106 22.68 29.63 -13.23
CA ASP E 106 23.11 30.06 -11.90
C ASP E 106 22.34 29.33 -10.81
N ILE E 107 21.00 29.32 -10.91
CA ILE E 107 20.21 28.73 -9.85
C ILE E 107 20.51 27.25 -9.71
N ASN E 108 20.64 26.54 -10.82
CA ASN E 108 20.89 25.11 -10.71
C ASN E 108 22.32 24.80 -10.29
N LEU E 109 23.29 25.62 -10.69
CA LEU E 109 24.66 25.38 -10.29
C LEU E 109 24.82 25.56 -8.79
N PHE E 110 24.13 26.55 -8.22
CA PHE E 110 24.19 26.65 -6.76
C PHE E 110 23.34 25.58 -6.08
N GLY E 111 22.23 25.20 -6.68
CA GLY E 111 21.41 24.15 -6.11
C GLY E 111 22.15 22.83 -6.00
N SER E 112 22.97 22.52 -6.99
CA SER E 112 23.73 21.28 -6.95
C SER E 112 24.66 21.26 -5.74
N VAL E 113 25.37 22.35 -5.50
CA VAL E 113 26.32 22.40 -4.40
C VAL E 113 25.59 22.34 -3.06
N PHE E 114 24.52 23.11 -2.92
CA PHE E 114 23.79 23.08 -1.65
C PHE E 114 23.15 21.72 -1.41
N LEU E 115 22.75 21.02 -2.48
CA LEU E 115 22.19 19.69 -2.30
C LEU E 115 23.26 18.67 -1.95
N ILE E 116 24.48 18.84 -2.46
CA ILE E 116 25.58 18.00 -2.00
C ILE E 116 25.77 18.19 -0.50
N GLY E 117 25.76 19.44 -0.05
CA GLY E 117 25.84 19.71 1.37
C GLY E 117 24.72 19.04 2.15
N PHE E 118 23.50 19.12 1.62
CA PHE E 118 22.35 18.53 2.32
C PHE E 118 22.49 17.02 2.42
N ILE E 119 22.89 16.36 1.34
CA ILE E 119 23.05 14.91 1.36
C ILE E 119 24.11 14.52 2.36
N ALA E 120 25.23 15.25 2.37
CA ALA E 120 26.29 14.94 3.32
C ALA E 120 25.80 15.08 4.76
N LEU E 121 25.06 16.14 5.04
CA LEU E 121 24.58 16.35 6.41
C LEU E 121 23.58 15.28 6.79
N ASP E 122 22.75 14.84 5.85
CA ASP E 122 21.78 13.79 6.11
C ASP E 122 22.49 12.48 6.46
N ARG E 123 23.52 12.12 5.70
CA ARG E 123 24.28 10.92 6.01
C ARG E 123 24.96 11.03 7.36
N CYS E 124 25.51 12.20 7.67
CA CYS E 124 26.16 12.38 8.97
C CYS E 124 25.17 12.17 10.10
N ILE E 125 23.95 12.70 9.96
CA ILE E 125 22.95 12.48 11.00
C ILE E 125 22.61 11.00 11.11
N CYS E 126 22.37 10.35 9.97
CA CYS E 126 21.94 8.96 9.99
C CYS E 126 23.00 8.03 10.57
N VAL E 127 24.27 8.43 10.53
CA VAL E 127 25.33 7.56 11.01
C VAL E 127 25.89 8.00 12.37
N LEU E 128 25.57 9.21 12.83
CA LEU E 128 26.04 9.63 14.14
C LEU E 128 24.97 9.60 15.21
N HIS E 129 23.70 9.76 14.86
CA HIS E 129 22.60 9.68 15.82
C HIS E 129 21.51 8.78 15.24
N PRO E 130 21.72 7.47 15.26
CA PRO E 130 20.73 6.58 14.64
C PRO E 130 19.38 6.62 15.29
N VAL E 131 19.29 6.81 16.61
CA VAL E 131 18.01 6.83 17.29
C VAL E 131 17.15 7.98 16.78
N TRP E 132 17.72 9.19 16.78
CA TRP E 132 17.03 10.34 16.24
C TRP E 132 16.74 10.15 14.76
N ALA E 133 17.68 9.57 14.04
CA ALA E 133 17.50 9.31 12.62
C ALA E 133 16.41 8.29 12.34
N GLN E 134 15.94 7.56 13.34
CA GLN E 134 14.80 6.69 13.13
C GLN E 134 13.52 7.22 13.71
N ASN E 135 13.59 8.12 14.69
CA ASN E 135 12.36 8.69 15.21
C ASN E 135 11.88 9.89 14.41
N HIS E 136 12.78 10.65 13.79
CA HIS E 136 12.39 11.95 13.23
C HIS E 136 12.95 12.16 11.83
N ARG E 137 12.81 11.18 10.94
CA ARG E 137 12.98 11.49 9.52
C ARG E 137 12.01 10.64 8.71
N THR E 138 11.05 11.31 8.10
CA THR E 138 10.08 10.70 7.21
C THR E 138 10.13 11.41 5.87
N VAL E 139 9.52 10.79 4.86
CA VAL E 139 9.50 11.41 3.54
C VAL E 139 8.77 12.75 3.60
N SER E 140 7.82 12.89 4.53
CA SER E 140 7.12 14.17 4.69
C SER E 140 8.09 15.27 5.14
N LEU E 141 8.88 15.00 6.17
CA LEU E 141 9.85 16.01 6.62
C LEU E 141 10.91 16.27 5.57
N ALA E 142 11.32 15.23 4.83
CA ALA E 142 12.26 15.44 3.74
C ALA E 142 11.68 16.39 2.70
N MET E 143 10.41 16.19 2.34
CA MET E 143 9.73 17.12 1.43
C MET E 143 9.75 18.53 1.99
N LYS E 144 9.33 18.69 3.25
CA LYS E 144 9.20 20.03 3.82
C LYS E 144 10.54 20.73 3.98
N VAL E 145 11.64 19.99 4.08
CA VAL E 145 12.93 20.59 4.34
C VAL E 145 13.73 20.82 3.07
N ILE E 146 13.61 19.93 2.08
CA ILE E 146 14.46 19.99 0.91
C ILE E 146 14.27 21.28 0.11
N VAL E 147 13.14 21.97 0.30
CA VAL E 147 12.91 23.20 -0.44
C VAL E 147 13.85 24.31 0.02
N GLY E 148 14.48 24.14 1.18
CA GLY E 148 15.34 25.16 1.74
C GLY E 148 16.48 25.57 0.83
N PRO E 149 17.33 24.62 0.45
CA PRO E 149 18.46 24.96 -0.43
C PRO E 149 18.03 25.58 -1.74
N TRP E 150 16.90 25.15 -2.32
CA TRP E 150 16.42 25.79 -3.53
C TRP E 150 16.09 27.25 -3.29
N ILE E 151 15.42 27.55 -2.17
CA ILE E 151 15.07 28.93 -1.86
C ILE E 151 16.33 29.76 -1.66
N LEU E 152 17.32 29.21 -0.96
CA LEU E 152 18.56 29.93 -0.75
C LEU E 152 19.25 30.19 -2.08
N ALA E 153 19.21 29.22 -2.99
CA ALA E 153 19.78 29.42 -4.31
C ALA E 153 19.06 30.54 -5.05
N LEU E 154 17.73 30.57 -4.95
CA LEU E 154 16.97 31.61 -5.64
C LEU E 154 17.32 32.99 -5.10
N VAL E 155 17.37 33.14 -3.77
CA VAL E 155 17.66 34.45 -3.21
C VAL E 155 19.09 34.86 -3.53
N LEU E 156 19.99 33.90 -3.65
CA LEU E 156 21.36 34.24 -4.03
C LEU E 156 21.48 34.59 -5.50
N THR E 157 20.65 34.01 -6.35
CA THR E 157 20.70 34.35 -7.77
C THR E 157 19.80 35.53 -8.11
N LEU E 158 19.11 36.10 -7.14
CA LEU E 158 18.34 37.32 -7.36
C LEU E 158 19.10 38.42 -8.10
N PRO E 159 20.38 38.71 -7.82
CA PRO E 159 21.06 39.76 -8.59
C PRO E 159 21.13 39.49 -10.07
N VAL E 160 20.96 38.24 -10.51
CA VAL E 160 21.06 37.94 -11.94
C VAL E 160 19.95 38.66 -12.70
N PHE E 161 18.71 38.59 -12.20
CA PHE E 161 17.59 39.26 -12.88
C PHE E 161 17.89 40.73 -13.10
N LEU E 162 18.33 41.42 -12.04
CA LEU E 162 18.51 42.86 -12.12
C LEU E 162 19.71 43.22 -12.98
N PHE E 163 20.90 42.77 -12.59
CA PHE E 163 22.11 43.30 -13.23
C PHE E 163 22.43 42.61 -14.54
N LEU E 164 21.82 41.47 -14.85
CA LEU E 164 22.15 40.75 -16.06
C LEU E 164 21.29 41.24 -17.21
N THR E 165 21.94 41.67 -18.29
CA THR E 165 21.22 42.18 -19.45
C THR E 165 22.11 42.04 -20.68
N THR E 166 21.49 42.13 -21.85
CA THR E 166 22.20 41.97 -23.12
C THR E 166 22.65 43.34 -23.57
N VAL E 167 23.96 43.53 -23.68
CA VAL E 167 24.54 44.79 -24.14
C VAL E 167 25.35 44.48 -25.40
N THR E 168 25.23 45.35 -26.39
CA THR E 168 25.98 45.22 -27.64
C THR E 168 26.98 46.35 -27.76
N ILE E 169 28.14 46.04 -28.31
CA ILE E 169 29.16 47.05 -28.60
C ILE E 169 28.77 47.75 -29.89
N PRO E 170 29.18 49.02 -30.08
CA PRO E 170 28.92 49.65 -31.38
C PRO E 170 29.53 48.90 -32.54
N ASN E 171 30.71 48.31 -32.34
CA ASN E 171 31.35 47.52 -33.38
C ASN E 171 30.63 46.19 -33.56
N THR E 174 29.52 41.87 -27.92
CA THR E 174 28.11 41.93 -27.54
C THR E 174 27.84 40.92 -26.44
N TYR E 175 28.84 40.69 -25.60
CA TYR E 175 28.73 39.67 -24.57
C TYR E 175 27.64 40.00 -23.57
N CYS E 176 26.94 38.97 -23.09
CA CYS E 176 25.97 39.15 -22.02
C CYS E 176 26.72 39.40 -20.73
N THR E 177 26.73 40.66 -20.28
CA THR E 177 27.44 41.02 -19.06
C THR E 177 26.53 41.80 -18.12
N PHE E 178 27.09 42.35 -17.06
CA PHE E 178 26.32 43.16 -16.12
C PHE E 178 26.48 44.62 -16.52
N ASN E 179 25.53 45.12 -17.30
CA ASN E 179 25.45 46.55 -17.54
C ASN E 179 24.77 47.23 -16.35
N PHE E 180 24.89 48.55 -16.30
CA PHE E 180 24.24 49.32 -15.23
C PHE E 180 23.72 50.63 -15.82
N ALA E 181 22.47 50.60 -16.26
CA ALA E 181 21.74 51.81 -16.61
C ALA E 181 20.58 52.08 -15.68
N SER E 182 20.14 51.08 -14.92
CA SER E 182 19.11 51.30 -13.91
C SER E 182 19.54 52.38 -12.92
N TRP E 183 20.78 52.30 -12.46
CA TRP E 183 21.38 53.35 -11.65
C TRP E 183 22.65 53.87 -12.29
N GLY E 184 22.69 53.89 -13.63
CA GLY E 184 23.88 54.37 -14.32
C GLY E 184 24.19 55.82 -14.00
N GLY E 185 23.17 56.68 -14.06
CA GLY E 185 23.32 58.10 -13.76
C GLY E 185 24.54 58.72 -14.40
N THR E 186 25.34 59.41 -13.61
CA THR E 186 26.62 59.89 -14.08
C THR E 186 27.61 58.73 -14.20
N PRO E 187 28.27 58.58 -15.36
CA PRO E 187 29.28 57.51 -15.47
C PRO E 187 30.42 57.66 -14.49
N GLU E 188 30.64 58.88 -13.97
CA GLU E 188 31.65 59.06 -12.95
C GLU E 188 31.34 58.26 -11.70
N GLU E 189 30.09 58.27 -11.25
CA GLU E 189 29.70 57.49 -10.08
C GLU E 189 29.19 56.10 -10.43
N ARG E 190 28.93 55.82 -11.70
CA ARG E 190 28.42 54.50 -12.08
C ARG E 190 29.44 53.41 -11.76
N LEU E 191 30.71 53.65 -12.09
CA LEU E 191 31.73 52.62 -11.90
C LEU E 191 31.89 52.26 -10.43
N LYS E 192 31.65 53.20 -9.53
CA LYS E 192 31.73 52.89 -8.10
C LYS E 192 30.69 51.86 -7.71
N VAL E 193 29.44 52.08 -8.09
CA VAL E 193 28.38 51.13 -7.77
C VAL E 193 28.64 49.80 -8.47
N ALA E 194 29.17 49.85 -9.70
CA ALA E 194 29.48 48.63 -10.42
C ALA E 194 30.53 47.80 -9.67
N ILE E 195 31.60 48.45 -9.23
CA ILE E 195 32.65 47.75 -8.50
C ILE E 195 32.09 47.19 -7.20
N THR E 196 31.24 47.96 -6.53
CA THR E 196 30.62 47.48 -5.30
C THR E 196 29.84 46.20 -5.57
N MET E 197 29.00 46.22 -6.60
CA MET E 197 28.17 45.05 -6.90
C MET E 197 29.01 43.83 -7.24
N LEU E 198 30.00 44.01 -8.11
CA LEU E 198 30.83 42.87 -8.51
C LEU E 198 31.61 42.33 -7.32
N THR E 199 32.17 43.21 -6.48
CA THR E 199 32.90 42.74 -5.32
C THR E 199 32.00 41.98 -4.36
N ALA E 200 30.79 42.50 -4.13
CA ALA E 200 29.87 41.81 -3.24
C ALA E 200 29.53 40.43 -3.79
N ARG E 201 29.29 40.35 -5.11
CA ARG E 201 28.97 39.06 -5.69
C ARG E 201 30.14 38.09 -5.56
N GLY E 202 31.35 38.55 -5.82
CA GLY E 202 32.49 37.66 -5.73
C GLY E 202 32.71 37.14 -4.32
N ILE E 203 32.66 38.03 -3.34
CA ILE E 203 32.89 37.59 -1.97
C ILE E 203 31.77 36.67 -1.50
N ILE E 204 30.52 36.98 -1.86
CA ILE E 204 29.43 36.14 -1.40
C ILE E 204 29.50 34.78 -2.09
N ARG E 205 29.96 34.73 -3.33
CA ARG E 205 30.17 33.45 -3.97
C ARG E 205 31.21 32.64 -3.22
N PHE E 206 32.37 33.23 -2.94
CA PHE E 206 33.40 32.44 -2.28
C PHE E 206 33.03 32.05 -0.86
N VAL E 207 32.12 32.78 -0.21
CA VAL E 207 31.82 32.42 1.17
C VAL E 207 30.62 31.48 1.29
N ILE E 208 29.66 31.54 0.37
CA ILE E 208 28.49 30.67 0.46
C ILE E 208 28.32 29.80 -0.77
N GLY E 209 29.40 29.51 -1.49
CA GLY E 209 29.29 28.52 -2.55
C GLY E 209 30.36 27.46 -2.45
N PHE E 210 31.43 27.77 -1.75
CA PHE E 210 32.50 26.80 -1.54
C PHE E 210 32.92 26.66 -0.10
N SER E 211 32.93 27.77 0.67
CA SER E 211 33.42 27.70 2.04
C SER E 211 32.50 26.85 2.91
N LEU E 212 31.25 27.26 3.06
CA LEU E 212 30.29 26.47 3.83
C LEU E 212 30.07 25.09 3.25
N PRO E 213 29.87 24.91 1.94
CA PRO E 213 29.62 23.54 1.44
C PRO E 213 30.78 22.58 1.66
N MET E 214 32.01 22.97 1.34
CA MET E 214 33.13 22.09 1.64
C MET E 214 33.32 21.89 3.13
N SER E 215 33.11 22.93 3.93
CA SER E 215 33.20 22.73 5.38
C SER E 215 32.27 21.61 5.81
N ILE E 216 31.01 21.68 5.37
CA ILE E 216 30.03 20.68 5.78
C ILE E 216 30.41 19.31 5.26
N VAL E 217 30.80 19.22 3.98
CA VAL E 217 31.09 17.92 3.39
C VAL E 217 32.29 17.27 4.08
N ALA E 218 33.38 18.01 4.20
CA ALA E 218 34.58 17.47 4.82
C ALA E 218 34.30 17.05 6.26
N ILE E 219 33.67 17.92 7.05
CA ILE E 219 33.47 17.61 8.46
C ILE E 219 32.57 16.39 8.62
N CYS E 220 31.45 16.37 7.90
CA CYS E 220 30.49 15.28 8.07
C CYS E 220 31.07 13.95 7.61
N TYR E 221 31.69 13.94 6.43
CA TYR E 221 32.22 12.68 5.94
C TYR E 221 33.40 12.22 6.77
N GLY E 222 34.20 13.14 7.30
CA GLY E 222 35.26 12.75 8.20
C GLY E 222 34.73 12.14 9.48
N LEU E 223 33.66 12.71 10.02
CA LEU E 223 33.09 12.14 11.23
C LEU E 223 32.53 10.74 11.00
N ILE E 224 31.80 10.55 9.89
CA ILE E 224 31.27 9.22 9.66
C ILE E 224 32.38 8.24 9.36
N ALA E 225 33.47 8.70 8.73
CA ALA E 225 34.62 7.83 8.54
C ALA E 225 35.24 7.44 9.87
N ALA E 226 35.36 8.40 10.79
CA ALA E 226 35.92 8.11 12.10
C ALA E 226 35.10 7.04 12.82
N LYS E 227 33.78 7.19 12.81
CA LYS E 227 32.96 6.21 13.51
C LYS E 227 32.98 4.86 12.82
N ILE E 228 32.80 4.84 11.49
CA ILE E 228 32.81 3.58 10.75
C ILE E 228 34.16 2.91 10.83
N HIS E 229 35.20 3.62 11.24
CA HIS E 229 36.48 2.94 11.46
C HIS E 229 36.60 2.46 12.90
N LYS E 230 36.16 3.27 13.87
CA LYS E 230 36.32 2.89 15.26
C LYS E 230 35.48 1.68 15.63
N LYS E 231 34.22 1.66 15.23
CA LYS E 231 33.28 0.67 15.75
C LYS E 231 33.16 -0.56 14.85
N GLY E 232 34.20 -0.86 14.08
CA GLY E 232 34.14 -1.99 13.19
C GLY E 232 33.66 -1.64 11.80
N MET E 233 32.69 -2.41 11.27
CA MET E 233 32.09 -2.16 9.96
C MET E 233 33.10 -2.19 8.82
N ILE E 234 34.36 -2.46 9.09
CA ILE E 234 35.42 -2.36 8.09
C ILE E 234 35.64 -3.77 7.56
N LYS E 235 34.88 -4.13 6.52
CA LYS E 235 35.05 -5.44 5.90
C LYS E 235 35.69 -5.35 4.54
N SER E 236 35.54 -4.23 3.84
CA SER E 236 36.15 -4.05 2.53
C SER E 236 36.75 -2.66 2.40
N SER E 237 37.20 -2.32 1.20
CA SER E 237 37.65 -0.97 0.90
C SER E 237 36.53 -0.09 0.36
N ARG E 238 35.35 -0.65 0.15
CA ARG E 238 34.24 0.13 -0.41
C ARG E 238 33.90 1.36 0.40
N PRO E 239 33.71 1.30 1.74
CA PRO E 239 33.32 2.52 2.46
C PRO E 239 34.37 3.60 2.39
N LEU E 240 35.58 3.30 2.83
CA LEU E 240 36.67 4.27 2.73
C LEU E 240 37.39 4.13 1.41
N ARG E 241 36.61 4.01 0.35
CA ARG E 241 36.97 4.37 -1.00
C ARG E 241 35.92 5.26 -1.63
N VAL E 242 34.63 4.96 -1.39
CA VAL E 242 33.58 5.83 -1.91
C VAL E 242 33.56 7.15 -1.17
N LEU E 243 33.85 7.12 0.14
CA LEU E 243 33.87 8.38 0.90
C LEU E 243 34.96 9.31 0.38
N THR E 244 36.18 8.80 0.23
CA THR E 244 37.23 9.64 -0.31
C THR E 244 36.95 9.99 -1.77
N ALA E 245 36.26 9.12 -2.49
CA ALA E 245 35.90 9.44 -3.86
C ALA E 245 35.00 10.67 -3.93
N VAL E 246 33.97 10.72 -3.08
CA VAL E 246 33.07 11.86 -3.14
C VAL E 246 33.77 13.12 -2.67
N VAL E 247 34.55 13.03 -1.60
CA VAL E 247 35.21 14.26 -1.11
C VAL E 247 36.18 14.79 -2.15
N ALA E 248 37.00 13.91 -2.74
CA ALA E 248 37.96 14.38 -3.73
C ALA E 248 37.27 14.86 -4.99
N SER E 249 36.27 14.14 -5.49
CA SER E 249 35.58 14.55 -6.70
C SER E 249 34.86 15.87 -6.52
N PHE E 250 34.53 16.23 -5.28
CA PHE E 250 34.04 17.58 -5.04
C PHE E 250 35.17 18.59 -5.06
N PHE E 251 36.23 18.33 -4.29
CA PHE E 251 37.26 19.35 -4.08
C PHE E 251 38.08 19.58 -5.34
N ILE E 252 38.77 18.55 -5.81
CA ILE E 252 39.68 18.69 -6.94
C ILE E 252 38.95 19.30 -8.12
N CYS E 253 37.64 19.09 -8.22
CA CYS E 253 36.85 19.62 -9.32
C CYS E 253 36.18 20.96 -9.17
N TRP E 254 35.91 21.42 -7.94
CA TRP E 254 35.30 22.72 -7.73
C TRP E 254 36.29 23.79 -7.27
N PHE E 255 37.40 23.40 -6.65
CA PHE E 255 38.27 24.38 -6.02
C PHE E 255 38.90 25.37 -7.00
N PRO E 256 39.49 24.96 -8.12
CA PRO E 256 40.19 25.95 -8.96
C PRO E 256 39.28 27.06 -9.45
N PHE E 257 38.03 26.75 -9.77
CA PHE E 257 37.10 27.77 -10.23
C PHE E 257 36.88 28.83 -9.16
N GLN E 258 36.61 28.39 -7.93
CA GLN E 258 36.40 29.34 -6.86
C GLN E 258 37.67 30.12 -6.57
N LEU E 259 38.83 29.49 -6.71
CA LEU E 259 40.08 30.21 -6.45
C LEU E 259 40.30 31.32 -7.47
N VAL E 260 40.17 31.00 -8.76
CA VAL E 260 40.37 32.02 -9.77
C VAL E 260 39.32 33.10 -9.66
N ALA E 261 38.09 32.72 -9.29
CA ALA E 261 37.05 33.72 -9.08
C ALA E 261 37.39 34.63 -7.92
N LEU E 262 37.95 34.08 -6.84
CA LEU E 262 38.35 34.92 -5.71
C LEU E 262 39.43 35.90 -6.12
N LEU E 263 40.44 35.42 -6.85
CA LEU E 263 41.49 36.33 -7.30
C LEU E 263 40.92 37.42 -8.18
N GLY E 264 40.02 37.07 -9.10
CA GLY E 264 39.40 38.08 -9.93
C GLY E 264 38.60 39.08 -9.11
N THR E 265 37.85 38.60 -8.13
CA THR E 265 37.04 39.50 -7.32
C THR E 265 37.93 40.46 -6.54
N VAL E 266 39.04 39.97 -5.99
CA VAL E 266 39.86 40.82 -5.15
C VAL E 266 40.71 41.76 -5.99
N TRP E 267 41.00 41.41 -7.24
CA TRP E 267 41.84 42.23 -8.08
C TRP E 267 41.08 42.98 -9.15
N LEU E 268 39.74 42.96 -9.11
CA LEU E 268 38.95 43.67 -10.11
C LEU E 268 39.30 45.14 -10.17
N LYS E 269 39.55 45.77 -9.02
CA LYS E 269 39.85 47.19 -9.01
C LYS E 269 41.02 47.52 -9.92
N GLU E 270 42.10 46.74 -9.83
CA GLU E 270 43.25 46.97 -10.71
C GLU E 270 42.97 46.47 -12.12
N MET E 271 42.31 45.32 -12.26
CA MET E 271 42.18 44.69 -13.57
C MET E 271 41.31 45.53 -14.50
N LEU E 272 40.19 46.03 -14.01
CA LEU E 272 39.30 46.85 -14.84
C LEU E 272 39.92 48.18 -15.22
N PHE E 273 41.03 48.55 -14.61
CA PHE E 273 41.74 49.78 -14.95
C PHE E 273 43.09 49.54 -15.58
N TYR E 274 43.84 48.56 -15.10
CA TYR E 274 45.22 48.35 -15.54
C TYR E 274 45.42 47.05 -16.29
N GLY E 275 44.59 46.05 -16.06
CA GLY E 275 44.83 44.75 -16.65
C GLY E 275 46.14 44.14 -16.19
N LYS E 276 46.49 44.33 -14.93
CA LYS E 276 47.80 43.90 -14.43
C LYS E 276 47.96 42.39 -14.59
N TYR E 277 46.99 41.63 -14.08
CA TYR E 277 47.01 40.18 -14.19
C TYR E 277 46.07 39.78 -15.32
N LYS E 278 46.62 39.12 -16.34
CA LYS E 278 45.83 38.66 -17.47
C LYS E 278 45.66 37.16 -17.51
N ILE E 279 46.57 36.41 -16.91
CA ILE E 279 46.40 34.96 -16.83
C ILE E 279 45.14 34.63 -16.05
N ILE E 280 44.85 35.42 -15.00
CA ILE E 280 43.60 35.25 -14.29
C ILE E 280 42.43 35.52 -15.21
N ASP E 281 42.59 36.41 -16.18
CA ASP E 281 41.52 36.68 -17.11
C ASP E 281 41.35 35.57 -18.13
N ILE E 282 42.43 34.85 -18.45
CA ILE E 282 42.36 33.85 -19.49
C ILE E 282 41.99 32.48 -18.95
N LEU E 283 42.30 32.20 -17.69
CA LEU E 283 42.10 30.87 -17.14
C LEU E 283 40.67 30.61 -16.71
N VAL E 284 39.76 31.55 -16.91
CA VAL E 284 38.40 31.39 -16.40
C VAL E 284 37.66 30.30 -17.17
N ASN E 285 37.72 30.33 -18.50
CA ASN E 285 37.02 29.32 -19.29
C ASN E 285 37.52 27.90 -19.03
N PRO E 286 38.82 27.59 -19.15
CA PRO E 286 39.25 26.21 -18.91
C PRO E 286 38.93 25.74 -17.51
N THR E 287 38.99 26.63 -16.53
CA THR E 287 38.68 26.24 -15.17
C THR E 287 37.19 26.03 -14.98
N SER E 288 36.38 26.91 -15.57
CA SER E 288 34.93 26.73 -15.51
C SER E 288 34.52 25.42 -16.16
N SER E 289 35.28 24.94 -17.14
CA SER E 289 34.97 23.65 -17.73
C SER E 289 35.05 22.54 -16.69
N LEU E 290 36.17 22.48 -15.96
CA LEU E 290 36.30 21.50 -14.90
C LEU E 290 35.22 21.71 -13.84
N ALA E 291 34.92 22.96 -13.53
CA ALA E 291 33.91 23.25 -12.53
C ALA E 291 32.57 22.63 -12.92
N PHE E 292 32.17 22.81 -14.17
CA PHE E 292 30.90 22.23 -14.62
C PHE E 292 30.95 20.73 -14.72
N PHE E 293 32.13 20.14 -14.92
CA PHE E 293 32.23 18.69 -15.09
C PHE E 293 31.66 17.94 -13.89
N ASN E 294 31.66 18.55 -12.71
CA ASN E 294 31.14 17.86 -11.53
C ASN E 294 29.66 17.55 -11.67
N SER E 295 28.91 18.40 -12.37
CA SER E 295 27.49 18.14 -12.53
C SER E 295 27.22 16.91 -13.38
N CYS E 296 28.14 16.55 -14.28
CA CYS E 296 28.02 15.33 -15.06
C CYS E 296 28.70 14.14 -14.41
N LEU E 297 29.57 14.37 -13.42
CA LEU E 297 30.18 13.27 -12.69
C LEU E 297 29.40 12.87 -11.44
N ASN E 298 28.52 13.73 -10.94
CA ASN E 298 27.84 13.47 -9.67
C ASN E 298 27.01 12.20 -9.65
N PRO E 299 26.09 11.95 -10.59
CA PRO E 299 25.20 10.79 -10.42
C PRO E 299 25.93 9.47 -10.42
N MET E 300 26.96 9.32 -11.26
CA MET E 300 27.71 8.08 -11.31
C MET E 300 28.47 7.80 -10.03
N LEU E 301 28.57 8.79 -9.16
CA LEU E 301 29.29 8.65 -7.90
C LEU E 301 28.37 8.71 -6.69
N TYR E 302 27.12 9.15 -6.85
CA TYR E 302 26.18 9.22 -5.74
C TYR E 302 25.09 8.17 -5.78
N VAL E 303 24.69 7.71 -6.96
CA VAL E 303 23.54 6.82 -7.11
C VAL E 303 23.94 5.48 -7.70
N PHE E 304 24.78 5.47 -8.73
CA PHE E 304 25.15 4.23 -9.39
C PHE E 304 25.95 3.29 -8.51
N VAL E 305 26.51 3.79 -7.41
CA VAL E 305 27.21 2.90 -6.48
C VAL E 305 26.24 1.92 -5.84
N GLY E 306 25.01 2.35 -5.59
CA GLY E 306 24.07 1.52 -4.86
C GLY E 306 23.75 0.24 -5.60
N GLN E 307 23.91 -0.89 -4.90
CA GLN E 307 23.60 -2.19 -5.49
C GLN E 307 22.12 -2.28 -5.84
N ASP E 308 21.26 -1.81 -4.96
CA ASP E 308 19.82 -1.88 -5.23
C ASP E 308 19.46 -1.09 -6.47
N PHE E 309 20.01 0.12 -6.62
CA PHE E 309 19.71 0.91 -7.80
C PHE E 309 20.26 0.27 -9.05
N ARG E 310 21.47 -0.29 -8.99
CA ARG E 310 22.03 -0.96 -10.15
C ARG E 310 21.14 -2.13 -10.58
N GLU E 311 20.69 -2.92 -9.61
CA GLU E 311 19.83 -4.05 -9.94
C GLU E 311 18.51 -3.58 -10.55
N ARG E 312 17.93 -2.52 -9.99
CA ARG E 312 16.67 -2.02 -10.53
C ARG E 312 16.85 -1.53 -11.95
N LEU E 313 17.95 -0.82 -12.23
CA LEU E 313 18.19 -0.35 -13.59
C LEU E 313 18.38 -1.51 -14.55
N ILE E 314 19.16 -2.51 -14.15
CA ILE E 314 19.42 -3.65 -15.01
C ILE E 314 18.12 -4.38 -15.34
N HIS E 315 17.27 -4.61 -14.33
CA HIS E 315 16.02 -5.30 -14.59
C HIS E 315 15.06 -4.44 -15.41
N SER E 316 15.06 -3.12 -15.18
CA SER E 316 14.17 -2.25 -15.94
C SER E 316 14.54 -2.25 -17.41
N LEU E 317 15.83 -2.16 -17.73
CA LEU E 317 16.28 -2.22 -19.11
C LEU E 317 17.80 -2.32 -19.18
#